data_8KA4
#
_entry.id   8KA4
#
_cell.length_a   68.154
_cell.length_b   102.215
_cell.length_c   169.198
_cell.angle_alpha   90.000
_cell.angle_beta   90.000
_cell.angle_gamma   90.000
#
_symmetry.space_group_name_H-M   'P 21 21 21'
#
loop_
_entity.id
_entity.type
_entity.pdbx_description
1 polymer 'DNA-(apurinic or apyrimidinic site) endonuclease, chloroplastic'
2 non-polymer "2'-DEOXYGUANOSINE-5'-MONOPHOSPHATE"
3 non-polymer 'PHOSPHATE ION'
4 water water
#
_entity_poly.entity_id   1
_entity_poly.type   'polypeptide(L)'
_entity_poly.pdbx_seq_one_letter_code
;QSEPWTVLAHKKPQKDWKAYNPKTMRPPPLPEGTKCVKVMTWNVNGLRGLLKFESFSALQLAQRENFDILCLQETKLQVK
DVEEIKKTLIDGYDHSFWSCSVSKLGYSGTAIISRIKPLSVRYGTGLSGHDTEGRIVTAEFDSFYLINTYVPNSGDGLKR
LSYRIEEWDRTLSNHIKELEKSKPVVLTGDLNCAHEEIDIFNPAGNKRSAGFTIEERQSFGANLLDKGFVDTFRKQHPGV
VGYTYWGYRHGGRKTNKGWRLDYFLVSQSIAANVHDSYILPDINGSDHCPIGLILKL
;
_entity_poly.pdbx_strand_id   A,B,C,D
#
# COMPACT_ATOMS: atom_id res chain seq x y z
N SER A 2 -54.81 10.89 -6.10
CA SER A 2 -53.97 10.41 -4.99
C SER A 2 -52.50 10.70 -5.30
N GLU A 3 -51.84 11.43 -4.40
CA GLU A 3 -50.43 11.80 -4.57
C GLU A 3 -49.66 11.41 -3.31
N PRO A 4 -49.40 10.12 -3.12
CA PRO A 4 -48.80 9.67 -1.86
C PRO A 4 -47.45 10.28 -1.58
N TRP A 5 -46.72 10.71 -2.61
CA TRP A 5 -45.43 11.36 -2.39
C TRP A 5 -45.56 12.71 -1.68
N THR A 6 -46.76 13.30 -1.64
CA THR A 6 -46.95 14.54 -0.89
C THR A 6 -47.24 14.29 0.59
N VAL A 7 -47.44 13.04 0.99
CA VAL A 7 -47.60 12.68 2.39
C VAL A 7 -46.21 12.37 2.95
N LEU A 8 -45.83 13.09 4.01
CA LEU A 8 -44.55 12.94 4.71
C LEU A 8 -44.46 11.60 5.43
N ALA A 9 -43.76 10.64 4.82
CA ALA A 9 -43.57 9.31 5.37
C ALA A 9 -42.11 9.17 5.83
N HIS A 10 -41.92 9.09 7.15
CA HIS A 10 -40.58 9.00 7.72
C HIS A 10 -40.67 8.59 9.18
N LYS A 11 -39.88 7.61 9.60
CA LYS A 11 -40.05 7.04 10.93
C LYS A 11 -39.48 7.95 12.02
N LYS A 12 -38.49 8.77 11.69
CA LYS A 12 -37.84 9.65 12.67
C LYS A 12 -37.59 11.03 12.08
N PRO A 13 -38.65 11.77 11.77
CA PRO A 13 -38.47 13.07 11.12
C PRO A 13 -38.11 14.18 12.11
N GLN A 14 -37.44 15.20 11.59
CA GLN A 14 -37.25 16.39 12.38
C GLN A 14 -38.52 17.26 12.32
N LYS A 15 -38.57 18.26 13.21
CA LYS A 15 -39.82 18.98 13.43
C LYS A 15 -40.28 19.71 12.18
N ASP A 16 -39.36 20.39 11.48
CA ASP A 16 -39.69 21.27 10.38
C ASP A 16 -39.61 20.60 8.99
N TRP A 17 -39.54 19.27 8.91
CA TRP A 17 -39.47 18.57 7.63
C TRP A 17 -40.84 18.53 6.94
N LYS A 18 -40.84 18.69 5.61
CA LYS A 18 -42.05 18.58 4.80
C LYS A 18 -41.82 17.60 3.65
N ALA A 19 -42.90 16.98 3.17
CA ALA A 19 -42.83 16.10 2.01
C ALA A 19 -42.74 16.88 0.70
N TYR A 20 -41.95 16.37 -0.24
CA TYR A 20 -41.75 17.05 -1.51
C TYR A 20 -43.00 17.00 -2.38
N ASN A 21 -43.50 18.17 -2.76
CA ASN A 21 -44.62 18.25 -3.69
C ASN A 21 -44.16 19.03 -4.89
N PRO A 22 -43.92 18.36 -6.03
CA PRO A 22 -43.42 19.08 -7.20
C PRO A 22 -44.41 20.11 -7.74
N LYS A 23 -45.69 20.00 -7.40
CA LYS A 23 -46.64 20.98 -7.91
C LYS A 23 -46.47 22.33 -7.23
N THR A 24 -46.12 22.34 -5.93
CA THR A 24 -45.98 23.58 -5.20
C THR A 24 -44.54 23.98 -4.87
N MET A 25 -43.56 23.10 -5.05
CA MET A 25 -42.20 23.37 -4.62
C MET A 25 -41.20 23.50 -5.76
N ARG A 26 -41.63 23.38 -6.97
CA ARG A 26 -40.63 23.62 -7.99
C ARG A 26 -40.58 25.11 -8.32
N PRO A 27 -39.42 25.64 -8.69
CA PRO A 27 -39.31 27.06 -9.02
C PRO A 27 -40.08 27.37 -10.30
N PRO A 28 -40.43 28.65 -10.51
CA PRO A 28 -41.09 29.03 -11.75
C PRO A 28 -40.18 28.80 -12.94
N PRO A 29 -40.75 28.65 -14.14
CA PRO A 29 -39.92 28.41 -15.33
C PRO A 29 -38.94 29.56 -15.59
N LEU A 30 -37.87 29.21 -16.32
CA LEU A 30 -36.84 30.17 -16.67
C LEU A 30 -37.38 31.23 -17.62
N PRO A 31 -36.81 32.44 -17.57
CA PRO A 31 -37.18 33.46 -18.58
C PRO A 31 -36.90 32.95 -19.99
N GLU A 32 -37.73 33.36 -20.93
CA GLU A 32 -37.65 32.67 -22.20
C GLU A 32 -36.52 33.18 -23.07
N GLY A 33 -35.79 32.18 -23.54
CA GLY A 33 -34.58 32.35 -24.23
C GLY A 33 -33.37 32.02 -23.41
N THR A 34 -33.52 31.89 -22.08
CA THR A 34 -32.37 31.55 -21.25
C THR A 34 -31.80 30.23 -21.74
N LYS A 35 -30.56 30.29 -22.22
CA LYS A 35 -29.93 29.08 -22.74
C LYS A 35 -29.61 28.12 -21.60
N CYS A 36 -30.08 26.89 -21.74
CA CYS A 36 -30.00 25.88 -20.69
C CYS A 36 -30.04 24.51 -21.31
N VAL A 37 -29.70 23.50 -20.51
CA VAL A 37 -29.81 22.10 -20.88
C VAL A 37 -30.72 21.40 -19.88
N LYS A 38 -31.52 20.47 -20.37
CA LYS A 38 -32.48 19.75 -19.54
C LYS A 38 -32.15 18.27 -19.60
N VAL A 39 -31.93 17.66 -18.44
CA VAL A 39 -31.53 16.27 -18.36
C VAL A 39 -32.55 15.55 -17.51
N MET A 40 -32.95 14.37 -17.96
CA MET A 40 -33.77 13.49 -17.16
C MET A 40 -33.02 12.19 -16.95
N THR A 41 -33.11 11.65 -15.73
CA THR A 41 -32.40 10.44 -15.35
C THR A 41 -33.39 9.44 -14.76
N TRP A 42 -33.19 8.16 -15.08
CA TRP A 42 -34.18 7.14 -14.70
C TRP A 42 -33.53 5.77 -14.65
N ASN A 43 -33.63 5.11 -13.50
CA ASN A 43 -33.38 3.68 -13.41
C ASN A 43 -34.65 2.98 -13.86
N VAL A 44 -34.62 2.36 -15.04
CA VAL A 44 -35.82 1.80 -15.63
C VAL A 44 -36.05 0.34 -15.25
N ASN A 45 -35.15 -0.25 -14.47
CA ASN A 45 -35.36 -1.62 -13.96
C ASN A 45 -35.64 -2.62 -15.09
N GLY A 46 -34.85 -2.56 -16.16
CA GLY A 46 -35.08 -3.40 -17.31
C GLY A 46 -35.79 -2.64 -18.42
N LEU A 47 -35.04 -2.25 -19.46
CA LEU A 47 -35.62 -1.38 -20.48
C LEU A 47 -36.70 -2.11 -21.28
N ARG A 48 -36.47 -3.38 -21.59
CA ARG A 48 -37.46 -4.14 -22.34
C ARG A 48 -38.77 -4.23 -21.57
N GLY A 49 -38.70 -4.52 -20.28
CA GLY A 49 -39.92 -4.58 -19.47
C GLY A 49 -40.65 -3.25 -19.45
N LEU A 50 -39.90 -2.15 -19.31
CA LEU A 50 -40.53 -0.83 -19.31
C LEU A 50 -41.25 -0.58 -20.63
N LEU A 51 -40.67 -1.00 -21.74
CA LEU A 51 -41.32 -0.75 -23.03
C LEU A 51 -42.56 -1.59 -23.22
N LYS A 52 -42.68 -2.68 -22.46
CA LYS A 52 -43.89 -3.49 -22.46
C LYS A 52 -44.92 -2.97 -21.47
N PHE A 53 -44.55 -1.98 -20.64
CA PHE A 53 -45.48 -1.40 -19.69
C PHE A 53 -46.58 -0.66 -20.45
N GLU A 54 -47.83 -1.06 -20.21
CA GLU A 54 -48.95 -0.59 -21.03
C GLU A 54 -49.08 0.92 -20.98
N SER A 55 -48.92 1.51 -19.79
CA SER A 55 -49.10 2.94 -19.66
C SER A 55 -47.85 3.76 -19.98
N PHE A 56 -46.83 3.19 -20.63
CA PHE A 56 -45.62 3.93 -20.94
C PHE A 56 -45.52 4.26 -22.42
N SER A 57 -45.20 5.52 -22.72
CA SER A 57 -44.97 5.98 -24.07
C SER A 57 -43.78 6.92 -24.10
N ALA A 58 -42.76 6.58 -24.88
CA ALA A 58 -41.63 7.47 -25.07
C ALA A 58 -42.08 8.83 -25.62
N LEU A 59 -43.08 8.84 -26.50
CA LEU A 59 -43.51 10.11 -27.09
C LEU A 59 -44.10 11.05 -26.04
N GLN A 60 -44.98 10.54 -25.19
CA GLN A 60 -45.61 11.39 -24.18
C GLN A 60 -44.59 11.91 -23.18
N LEU A 61 -43.67 11.05 -22.77
CA LEU A 61 -42.63 11.49 -21.83
C LEU A 61 -41.81 12.62 -22.43
N ALA A 62 -41.43 12.49 -23.70
CA ALA A 62 -40.66 13.53 -24.36
C ALA A 62 -41.48 14.81 -24.48
N GLN A 63 -42.74 14.67 -24.87
CA GLN A 63 -43.62 15.82 -25.02
C GLN A 63 -43.84 16.50 -23.68
N ARG A 64 -43.99 15.73 -22.61
CA ARG A 64 -44.27 16.30 -21.30
C ARG A 64 -43.07 17.09 -20.77
N GLU A 65 -41.87 16.49 -20.80
CA GLU A 65 -40.73 17.12 -20.13
C GLU A 65 -39.79 17.85 -21.08
N ASN A 66 -39.76 17.48 -22.35
CA ASN A 66 -38.95 18.12 -23.37
C ASN A 66 -37.49 18.20 -22.96
N PHE A 67 -36.98 17.08 -22.46
CA PHE A 67 -35.59 17.05 -22.05
C PHE A 67 -34.72 17.04 -23.29
N ASP A 68 -33.48 17.51 -23.13
CA ASP A 68 -32.50 17.36 -24.18
C ASP A 68 -31.76 16.02 -24.11
N ILE A 69 -31.56 15.51 -22.90
CA ILE A 69 -30.74 14.32 -22.68
C ILE A 69 -31.48 13.42 -21.69
N LEU A 70 -31.48 12.11 -21.96
CA LEU A 70 -32.10 11.12 -21.11
C LEU A 70 -31.03 10.13 -20.69
N CYS A 71 -30.82 9.98 -19.38
CA CYS A 71 -29.84 9.04 -18.82
C CYS A 71 -30.59 7.89 -18.18
N LEU A 72 -30.29 6.68 -18.62
CA LEU A 72 -30.92 5.46 -18.11
C LEU A 72 -29.92 4.60 -17.35
N GLN A 73 -30.40 3.90 -16.34
CA GLN A 73 -29.62 2.87 -15.67
C GLN A 73 -30.40 1.59 -15.68
N GLU A 74 -29.67 0.47 -15.57
CA GLU A 74 -30.28 -0.88 -15.59
C GLU A 74 -31.10 -1.12 -16.85
N THR A 75 -30.52 -0.80 -18.00
CA THR A 75 -31.17 -1.16 -19.26
C THR A 75 -31.32 -2.67 -19.39
N LYS A 76 -30.38 -3.42 -18.80
CA LYS A 76 -30.28 -4.89 -18.87
C LYS A 76 -30.10 -5.40 -20.29
N LEU A 77 -29.61 -4.55 -21.20
CA LEU A 77 -29.40 -4.97 -22.56
C LEU A 77 -28.10 -5.75 -22.72
N GLN A 78 -28.07 -6.63 -23.70
CA GLN A 78 -26.79 -7.15 -24.17
C GLN A 78 -26.30 -6.28 -25.32
N VAL A 79 -25.00 -6.38 -25.59
CA VAL A 79 -24.42 -5.62 -26.70
C VAL A 79 -25.16 -5.91 -28.01
N LYS A 80 -25.50 -7.18 -28.25
CA LYS A 80 -26.19 -7.54 -29.48
C LYS A 80 -27.54 -6.87 -29.60
N ASP A 81 -28.12 -6.37 -28.51
CA ASP A 81 -29.45 -5.80 -28.56
C ASP A 81 -29.49 -4.34 -29.02
N VAL A 82 -28.36 -3.62 -28.99
CA VAL A 82 -28.39 -2.16 -29.13
C VAL A 82 -28.88 -1.74 -30.51
N GLU A 83 -28.43 -2.41 -31.57
CA GLU A 83 -28.84 -2.03 -32.92
C GLU A 83 -30.36 -1.92 -33.02
N GLU A 84 -31.09 -2.94 -32.55
CA GLU A 84 -32.54 -2.94 -32.65
C GLU A 84 -33.18 -1.91 -31.73
N ILE A 85 -32.69 -1.79 -30.48
CA ILE A 85 -33.25 -0.82 -29.54
C ILE A 85 -33.10 0.58 -30.09
N LYS A 86 -31.99 0.86 -30.77
CA LYS A 86 -31.76 2.17 -31.37
C LYS A 86 -32.86 2.51 -32.35
N LYS A 87 -33.45 1.51 -33.00
CA LYS A 87 -34.45 1.79 -34.03
C LYS A 87 -35.77 2.22 -33.42
N THR A 88 -36.01 1.94 -32.14
CA THR A 88 -37.27 2.30 -31.50
C THR A 88 -37.18 3.66 -30.82
N LEU A 89 -35.99 4.26 -30.80
CA LEU A 89 -35.84 5.64 -30.33
C LEU A 89 -36.77 6.55 -31.12
N ILE A 90 -37.40 7.49 -30.42
CA ILE A 90 -38.37 8.32 -31.09
C ILE A 90 -37.62 9.39 -31.85
N ASP A 91 -38.32 10.06 -32.74
CA ASP A 91 -37.70 11.09 -33.56
C ASP A 91 -37.26 12.26 -32.69
N GLY A 92 -36.15 12.86 -33.10
CA GLY A 92 -35.58 14.00 -32.43
C GLY A 92 -34.39 13.69 -31.54
N TYR A 93 -34.17 12.43 -31.16
CA TYR A 93 -33.04 12.07 -30.28
C TYR A 93 -32.13 11.11 -31.05
N ASP A 94 -31.24 11.70 -31.85
CA ASP A 94 -30.46 10.92 -32.80
C ASP A 94 -29.17 10.33 -32.23
N HIS A 95 -28.64 10.87 -31.14
CA HIS A 95 -27.33 10.46 -30.63
C HIS A 95 -27.53 9.66 -29.34
N SER A 96 -27.30 8.36 -29.42
CA SER A 96 -27.51 7.49 -28.29
C SER A 96 -26.29 6.60 -28.07
N PHE A 97 -26.00 6.33 -26.81
CA PHE A 97 -24.76 5.67 -26.44
C PHE A 97 -25.06 4.71 -25.30
N TRP A 98 -24.67 3.47 -25.50
CA TRP A 98 -25.11 2.37 -24.67
C TRP A 98 -23.89 1.62 -24.17
N SER A 99 -23.86 1.32 -22.88
CA SER A 99 -22.81 0.50 -22.30
C SER A 99 -23.48 -0.66 -21.62
N CYS A 100 -23.22 -1.85 -22.12
CA CYS A 100 -23.90 -3.04 -21.65
C CYS A 100 -22.92 -3.94 -20.92
N SER A 101 -23.44 -4.67 -19.95
CA SER A 101 -22.67 -5.68 -19.22
C SER A 101 -22.32 -6.86 -20.15
N VAL A 102 -21.04 -7.25 -20.16
CA VAL A 102 -20.62 -8.35 -21.01
C VAL A 102 -20.27 -9.61 -20.23
N SER A 103 -19.95 -9.52 -18.95
CA SER A 103 -19.71 -10.73 -18.20
C SER A 103 -21.03 -11.32 -17.72
N LYS A 104 -21.78 -10.54 -16.96
CA LYS A 104 -23.11 -10.93 -16.52
C LYS A 104 -24.09 -10.38 -17.53
N LEU A 105 -24.87 -11.25 -18.14
CA LEU A 105 -25.78 -10.90 -19.23
C LEU A 105 -27.15 -10.56 -18.69
N GLY A 106 -27.80 -9.60 -19.35
CA GLY A 106 -29.11 -9.15 -18.90
C GLY A 106 -29.04 -8.46 -17.56
N TYR A 107 -28.00 -7.66 -17.35
CA TYR A 107 -27.59 -7.19 -16.03
C TYR A 107 -27.04 -5.78 -16.20
N SER A 108 -27.31 -4.94 -15.21
CA SER A 108 -26.81 -3.56 -15.17
C SER A 108 -27.14 -2.84 -16.47
N GLY A 109 -26.20 -2.06 -17.00
CA GLY A 109 -26.42 -1.39 -18.27
C GLY A 109 -26.84 0.05 -18.14
N THR A 110 -26.19 0.92 -18.90
CA THR A 110 -26.46 2.36 -18.87
C THR A 110 -26.60 2.87 -20.30
N ALA A 111 -27.19 4.05 -20.45
CA ALA A 111 -27.34 4.64 -21.76
C ALA A 111 -27.51 6.14 -21.60
N ILE A 112 -27.05 6.88 -22.60
CA ILE A 112 -27.29 8.31 -22.70
C ILE A 112 -27.93 8.56 -24.05
N ILE A 113 -29.12 9.17 -24.03
CA ILE A 113 -29.91 9.46 -25.23
C ILE A 113 -30.05 10.97 -25.31
N SER A 114 -29.65 11.54 -26.43
CA SER A 114 -29.45 12.97 -26.50
C SER A 114 -29.85 13.49 -27.87
N ARG A 115 -30.53 14.64 -27.89
CA ARG A 115 -30.70 15.37 -29.13
C ARG A 115 -29.58 16.37 -29.35
N ILE A 116 -28.62 16.43 -28.44
CA ILE A 116 -27.42 17.22 -28.61
C ILE A 116 -26.28 16.26 -28.93
N LYS A 117 -25.55 16.54 -30.01
CA LYS A 117 -24.43 15.69 -30.38
C LYS A 117 -23.24 15.97 -29.47
N PRO A 118 -22.76 15.00 -28.72
CA PRO A 118 -21.60 15.23 -27.85
C PRO A 118 -20.33 15.39 -28.66
N LEU A 119 -19.35 16.06 -28.05
CA LEU A 119 -18.03 16.15 -28.65
C LEU A 119 -17.28 14.82 -28.58
N SER A 120 -17.52 14.06 -27.52
CA SER A 120 -16.90 12.75 -27.36
C SER A 120 -17.67 11.96 -26.33
N VAL A 121 -17.60 10.64 -26.47
CA VAL A 121 -18.26 9.71 -25.57
C VAL A 121 -17.32 8.54 -25.33
N ARG A 122 -17.05 8.23 -24.07
CA ARG A 122 -16.26 7.07 -23.71
C ARG A 122 -17.01 6.25 -22.65
N TYR A 123 -16.69 4.97 -22.62
CA TYR A 123 -17.38 3.99 -21.77
C TYR A 123 -16.40 3.44 -20.73
N GLY A 124 -16.63 3.75 -19.47
CA GLY A 124 -15.80 3.21 -18.41
C GLY A 124 -14.91 4.27 -17.77
N THR A 125 -13.92 3.80 -17.03
CA THR A 125 -12.95 4.73 -16.47
C THR A 125 -11.61 4.58 -17.20
N GLY A 129 -11.23 1.20 -23.07
CA GLY A 129 -12.66 1.32 -22.96
C GLY A 129 -13.33 0.16 -22.23
N HIS A 130 -12.84 -0.14 -21.02
CA HIS A 130 -13.30 -1.30 -20.25
C HIS A 130 -14.42 -0.87 -19.30
N ASP A 131 -15.59 -1.49 -19.46
CA ASP A 131 -16.79 -1.30 -18.62
C ASP A 131 -17.53 -2.64 -18.60
N THR A 132 -17.00 -3.58 -17.82
CA THR A 132 -17.46 -4.96 -17.87
C THR A 132 -18.93 -5.11 -17.49
N GLU A 133 -19.42 -4.23 -16.61
CA GLU A 133 -20.81 -4.30 -16.19
C GLU A 133 -21.62 -3.15 -16.74
N GLY A 134 -21.08 -2.40 -17.70
CA GLY A 134 -21.87 -1.38 -18.37
C GLY A 134 -22.42 -0.32 -17.43
N ARG A 135 -21.59 0.16 -16.51
CA ARG A 135 -22.03 1.02 -15.41
C ARG A 135 -21.72 2.50 -15.60
N ILE A 136 -21.00 2.90 -16.66
CA ILE A 136 -20.59 4.30 -16.81
C ILE A 136 -20.58 4.68 -18.28
N VAL A 137 -21.17 5.84 -18.56
CA VAL A 137 -21.05 6.50 -19.85
C VAL A 137 -20.69 7.95 -19.59
N THR A 138 -19.67 8.45 -20.28
CA THR A 138 -19.27 9.84 -20.17
C THR A 138 -19.43 10.52 -21.53
N ALA A 139 -20.30 11.51 -21.61
CA ALA A 139 -20.52 12.28 -22.83
C ALA A 139 -19.97 13.69 -22.63
N GLU A 140 -19.12 14.13 -23.56
CA GLU A 140 -18.58 15.48 -23.50
C GLU A 140 -19.47 16.45 -24.26
N PHE A 141 -19.84 17.54 -23.61
CA PHE A 141 -20.55 18.64 -24.23
C PHE A 141 -19.66 19.88 -24.15
N ASP A 142 -20.18 21.02 -24.62
CA ASP A 142 -19.31 22.15 -24.89
C ASP A 142 -18.80 22.80 -23.60
N SER A 143 -19.63 22.86 -22.57
CA SER A 143 -19.25 23.53 -21.33
C SER A 143 -19.18 22.60 -20.12
N PHE A 144 -19.49 21.31 -20.28
CA PHE A 144 -19.54 20.42 -19.13
C PHE A 144 -19.41 18.98 -19.58
N TYR A 145 -19.05 18.12 -18.63
CA TYR A 145 -19.10 16.69 -18.83
C TYR A 145 -20.36 16.13 -18.17
N LEU A 146 -21.02 15.18 -18.84
CA LEU A 146 -22.15 14.47 -18.27
C LEU A 146 -21.76 13.02 -18.05
N ILE A 147 -21.75 12.60 -16.79
CA ILE A 147 -21.41 11.22 -16.41
C ILE A 147 -22.67 10.52 -15.89
N ASN A 148 -23.08 9.48 -16.60
CA ASN A 148 -24.22 8.68 -16.20
C ASN A 148 -23.68 7.35 -15.67
N THR A 149 -24.02 7.01 -14.43
CA THR A 149 -23.48 5.81 -13.83
C THR A 149 -24.57 5.05 -13.08
N TYR A 150 -24.43 3.73 -13.05
CA TYR A 150 -25.23 2.84 -12.20
C TYR A 150 -24.28 2.22 -11.18
N VAL A 151 -24.33 2.71 -9.96
CA VAL A 151 -23.35 2.30 -8.94
C VAL A 151 -23.66 0.89 -8.47
N PRO A 152 -22.64 0.04 -8.26
CA PRO A 152 -22.88 -1.33 -7.81
C PRO A 152 -23.63 -1.39 -6.49
N ASN A 153 -24.71 -2.18 -6.48
CA ASN A 153 -25.42 -2.52 -5.26
C ASN A 153 -24.56 -3.41 -4.36
N SER A 154 -24.44 -3.05 -3.08
CA SER A 154 -23.66 -3.85 -2.15
C SER A 154 -24.27 -5.22 -1.89
N GLY A 155 -25.57 -5.42 -2.15
CA GLY A 155 -26.13 -6.76 -2.14
C GLY A 155 -26.66 -7.21 -0.78
N ASP A 156 -27.42 -8.31 -0.82
CA ASP A 156 -27.94 -8.92 0.40
C ASP A 156 -26.81 -9.38 1.30
N GLY A 157 -26.93 -9.10 2.59
CA GLY A 157 -25.85 -9.41 3.48
C GLY A 157 -24.59 -8.63 3.20
N LEU A 158 -24.68 -7.53 2.45
CA LEU A 158 -23.50 -6.68 2.15
C LEU A 158 -22.39 -7.48 1.46
N LYS A 159 -22.78 -8.51 0.70
CA LYS A 159 -21.79 -9.42 0.12
C LYS A 159 -20.81 -8.71 -0.80
N ARG A 160 -21.17 -7.55 -1.36
CA ARG A 160 -20.27 -6.83 -2.25
C ARG A 160 -19.77 -5.53 -1.65
N LEU A 161 -19.97 -5.29 -0.35
CA LEU A 161 -19.61 -4.01 0.24
C LEU A 161 -18.13 -3.69 0.08
N SER A 162 -17.27 -4.71 0.14
CA SER A 162 -15.83 -4.49 -0.01
C SER A 162 -15.48 -3.92 -1.39
N TYR A 163 -15.98 -4.53 -2.48
CA TYR A 163 -15.74 -3.97 -3.81
C TYR A 163 -16.31 -2.56 -3.90
N ARG A 164 -17.50 -2.35 -3.35
CA ARG A 164 -18.16 -1.05 -3.43
C ARG A 164 -17.31 0.05 -2.77
N ILE A 165 -16.87 -0.18 -1.54
CA ILE A 165 -16.14 0.85 -0.79
C ILE A 165 -14.69 0.92 -1.23
N GLU A 166 -14.03 -0.23 -1.32
CA GLU A 166 -12.57 -0.21 -1.46
C GLU A 166 -12.16 -0.03 -2.90
N GLU A 167 -12.97 -0.47 -3.86
CA GLU A 167 -12.63 -0.38 -5.28
C GLU A 167 -13.54 0.58 -6.04
N TRP A 168 -14.84 0.30 -6.12
CA TRP A 168 -15.72 1.07 -6.99
C TRP A 168 -15.73 2.54 -6.64
N ASP A 169 -16.04 2.85 -5.37
CA ASP A 169 -16.27 4.22 -4.95
C ASP A 169 -15.06 5.12 -5.24
N ARG A 170 -13.85 4.60 -5.02
CA ARG A 170 -12.65 5.39 -5.28
C ARG A 170 -12.42 5.58 -6.77
N THR A 171 -12.72 4.56 -7.56
CA THR A 171 -12.50 4.64 -9.01
C THR A 171 -13.43 5.67 -9.66
N LEU A 172 -14.71 5.68 -9.23
CA LEU A 172 -15.61 6.70 -9.74
C LEU A 172 -15.16 8.10 -9.34
N SER A 173 -14.72 8.26 -8.09
CA SER A 173 -14.22 9.56 -7.63
C SER A 173 -13.05 10.03 -8.47
N ASN A 174 -12.07 9.16 -8.71
CA ASN A 174 -10.91 9.54 -9.50
C ASN A 174 -11.31 9.91 -10.93
N HIS A 175 -12.26 9.19 -11.49
CA HIS A 175 -12.68 9.46 -12.86
C HIS A 175 -13.31 10.84 -12.99
N ILE A 176 -14.19 11.22 -12.06
CA ILE A 176 -14.85 12.51 -12.22
C ILE A 176 -13.88 13.65 -11.92
N LYS A 177 -12.98 13.45 -10.95
CA LYS A 177 -12.01 14.50 -10.65
C LYS A 177 -11.04 14.73 -11.81
N GLU A 178 -10.61 13.65 -12.47
CA GLU A 178 -9.75 13.80 -13.65
C GLU A 178 -10.45 14.62 -14.74
N LEU A 179 -11.72 14.29 -15.04
CA LEU A 179 -12.44 15.02 -16.08
C LEU A 179 -12.68 16.46 -15.69
N GLU A 180 -12.90 16.71 -14.40
CA GLU A 180 -13.13 18.06 -13.93
C GLU A 180 -11.97 18.99 -14.28
N LYS A 181 -10.77 18.44 -14.48
CA LYS A 181 -9.63 19.26 -14.84
C LYS A 181 -9.81 19.94 -16.19
N SER A 182 -10.72 19.47 -17.03
CA SER A 182 -10.98 20.10 -18.32
C SER A 182 -12.28 20.86 -18.39
N LYS A 183 -13.33 20.34 -17.77
CA LYS A 183 -14.65 20.97 -17.77
C LYS A 183 -15.35 20.52 -16.50
N PRO A 184 -16.28 21.32 -15.98
CA PRO A 184 -17.08 20.86 -14.84
C PRO A 184 -17.90 19.62 -15.20
N VAL A 185 -18.28 18.88 -14.17
CA VAL A 185 -18.87 17.56 -14.29
C VAL A 185 -20.31 17.61 -13.80
N VAL A 186 -21.20 16.98 -14.56
CA VAL A 186 -22.54 16.67 -14.06
C VAL A 186 -22.58 15.16 -13.89
N LEU A 187 -22.66 14.72 -12.65
CA LEU A 187 -22.75 13.31 -12.31
C LEU A 187 -24.20 12.95 -12.00
N THR A 188 -24.72 11.93 -12.68
CA THR A 188 -26.09 11.53 -12.44
C THR A 188 -26.20 10.02 -12.56
N GLY A 189 -27.30 9.52 -12.03
CA GLY A 189 -27.65 8.11 -12.13
C GLY A 189 -28.11 7.58 -10.80
N ASP A 190 -28.14 6.25 -10.71
CA ASP A 190 -28.50 5.55 -9.49
C ASP A 190 -27.21 5.35 -8.71
N LEU A 191 -27.01 6.17 -7.68
CA LEU A 191 -25.79 6.09 -6.90
C LEU A 191 -25.87 5.05 -5.78
N ASN A 192 -27.04 4.43 -5.57
CA ASN A 192 -27.17 3.33 -4.64
C ASN A 192 -26.64 3.69 -3.24
N CYS A 193 -27.07 4.86 -2.76
CA CYS A 193 -26.75 5.31 -1.41
C CYS A 193 -27.75 6.37 -1.00
N ALA A 194 -28.45 6.15 0.11
CA ALA A 194 -29.24 7.19 0.75
C ALA A 194 -28.31 7.92 1.72
N HIS A 195 -27.95 9.17 1.38
CA HIS A 195 -26.85 9.84 2.05
C HIS A 195 -27.13 10.07 3.53
N GLU A 196 -28.25 10.70 3.84
CA GLU A 196 -28.61 11.06 5.22
C GLU A 196 -29.94 10.44 5.61
N GLU A 197 -30.29 10.58 6.89
CA GLU A 197 -31.53 10.02 7.39
C GLU A 197 -32.74 10.57 6.66
N ILE A 198 -32.67 11.83 6.21
CA ILE A 198 -33.77 12.44 5.48
C ILE A 198 -33.99 11.76 4.13
N ASP A 199 -33.03 10.99 3.64
CA ASP A 199 -33.08 10.33 2.35
C ASP A 199 -33.59 8.90 2.42
N ILE A 200 -34.09 8.47 3.58
CA ILE A 200 -34.61 7.11 3.72
C ILE A 200 -35.74 7.12 4.74
N PHE A 201 -36.78 6.35 4.44
CA PHE A 201 -37.99 6.35 5.25
C PHE A 201 -37.78 5.75 6.64
N ASN A 202 -36.96 4.70 6.73
CA ASN A 202 -36.74 3.97 7.98
C ASN A 202 -35.23 3.84 8.18
N PRO A 203 -34.58 4.90 8.65
CA PRO A 203 -33.12 4.82 8.83
C PRO A 203 -32.74 3.80 9.87
N ALA A 204 -33.46 3.78 10.99
CA ALA A 204 -33.08 2.88 12.10
C ALA A 204 -33.20 1.42 11.69
N GLY A 205 -34.24 1.07 10.92
CA GLY A 205 -34.41 -0.30 10.48
C GLY A 205 -33.49 -0.75 9.37
N ASN A 206 -32.62 0.15 8.85
CA ASN A 206 -31.80 -0.17 7.69
C ASN A 206 -30.33 0.12 7.93
N LYS A 207 -29.88 0.11 9.19
CA LYS A 207 -28.47 0.39 9.47
C LYS A 207 -27.55 -0.60 8.74
N ARG A 208 -27.98 -1.85 8.55
CA ARG A 208 -27.16 -2.84 7.86
C ARG A 208 -27.71 -3.23 6.49
N SER A 209 -28.58 -2.40 5.90
CA SER A 209 -29.09 -2.65 4.56
C SER A 209 -28.18 -2.00 3.53
N ALA A 210 -28.00 -2.67 2.40
CA ALA A 210 -27.27 -2.10 1.28
C ALA A 210 -27.84 -0.75 0.88
N GLY A 211 -26.98 0.27 0.80
CA GLY A 211 -27.42 1.59 0.44
C GLY A 211 -27.57 2.55 1.60
N PHE A 212 -27.59 2.06 2.85
CA PHE A 212 -27.62 2.96 4.00
C PHE A 212 -26.62 2.54 5.09
N THR A 213 -25.62 1.73 4.75
CA THR A 213 -24.58 1.43 5.71
C THR A 213 -23.76 2.68 6.00
N ILE A 214 -23.19 2.70 7.22
CA ILE A 214 -22.28 3.77 7.61
C ILE A 214 -21.13 3.87 6.60
N GLU A 215 -20.64 2.72 6.12
CA GLU A 215 -19.55 2.71 5.16
C GLU A 215 -19.94 3.42 3.88
N GLU A 216 -21.12 3.12 3.33
CA GLU A 216 -21.51 3.73 2.07
C GLU A 216 -21.75 5.22 2.23
N ARG A 217 -22.42 5.62 3.31
CA ARG A 217 -22.73 7.04 3.51
C ARG A 217 -21.47 7.88 3.70
N GLN A 218 -20.51 7.37 4.46
CA GLN A 218 -19.28 8.11 4.69
C GLN A 218 -18.46 8.24 3.41
N SER A 219 -18.46 7.20 2.58
CA SER A 219 -17.76 7.28 1.31
C SER A 219 -18.40 8.32 0.41
N PHE A 220 -19.74 8.30 0.34
CA PHE A 220 -20.48 9.31 -0.41
C PHE A 220 -20.02 10.71 -0.02
N GLY A 221 -20.00 10.99 1.28
CA GLY A 221 -19.53 12.29 1.73
C GLY A 221 -18.07 12.54 1.40
N ALA A 222 -17.23 11.53 1.64
CA ALA A 222 -15.79 11.75 1.56
C ALA A 222 -15.27 11.70 0.13
N ASN A 223 -15.82 10.81 -0.70
CA ASN A 223 -15.31 10.63 -2.05
C ASN A 223 -16.10 11.39 -3.10
N LEU A 224 -17.30 11.89 -2.76
CA LEU A 224 -18.06 12.69 -3.71
C LEU A 224 -18.23 14.13 -3.22
N LEU A 225 -19.01 14.37 -2.16
CA LEU A 225 -19.33 15.76 -1.79
C LEU A 225 -18.07 16.51 -1.41
N ASP A 226 -17.25 15.95 -0.52
CA ASP A 226 -16.10 16.69 -0.02
C ASP A 226 -15.01 16.87 -1.07
N LYS A 227 -15.15 16.30 -2.27
CA LYS A 227 -14.23 16.57 -3.36
C LYS A 227 -14.79 17.61 -4.33
N GLY A 228 -15.69 18.46 -3.85
CA GLY A 228 -16.17 19.58 -4.64
C GLY A 228 -17.40 19.31 -5.46
N PHE A 229 -18.28 18.39 -5.02
CA PHE A 229 -19.52 18.11 -5.73
C PHE A 229 -20.72 18.40 -4.85
N VAL A 230 -21.80 18.81 -5.50
CA VAL A 230 -22.97 19.32 -4.80
C VAL A 230 -24.17 18.42 -5.11
N ASP A 231 -24.85 17.98 -4.04
CA ASP A 231 -26.13 17.29 -4.15
C ASP A 231 -27.19 18.33 -4.50
N THR A 232 -27.52 18.45 -5.79
CA THR A 232 -28.31 19.60 -6.25
C THR A 232 -29.69 19.61 -5.63
N PHE A 233 -30.33 18.45 -5.53
CA PHE A 233 -31.67 18.42 -4.94
C PHE A 233 -31.63 18.78 -3.48
N ARG A 234 -30.63 18.29 -2.74
CA ARG A 234 -30.61 18.59 -1.31
C ARG A 234 -30.31 20.07 -1.07
N LYS A 235 -29.37 20.66 -1.84
CA LYS A 235 -29.11 22.09 -1.71
C LYS A 235 -30.34 22.91 -2.04
N GLN A 236 -31.10 22.51 -3.07
CA GLN A 236 -32.27 23.27 -3.46
C GLN A 236 -33.41 23.08 -2.46
N HIS A 237 -33.48 21.95 -1.77
CA HIS A 237 -34.60 21.63 -0.89
C HIS A 237 -34.17 21.17 0.49
N PRO A 238 -33.52 22.04 1.27
CA PRO A 238 -33.15 21.64 2.64
C PRO A 238 -34.39 21.33 3.45
N GLY A 239 -34.34 20.27 4.23
CA GLY A 239 -35.48 19.89 5.04
C GLY A 239 -36.67 19.34 4.29
N VAL A 240 -36.49 18.86 3.06
CA VAL A 240 -37.58 18.31 2.26
C VAL A 240 -37.36 16.81 2.08
N VAL A 241 -38.33 16.01 2.49
CA VAL A 241 -38.26 14.56 2.29
C VAL A 241 -38.84 14.24 0.91
N GLY A 242 -37.98 13.75 0.01
CA GLY A 242 -38.39 13.35 -1.31
C GLY A 242 -37.62 12.09 -1.67
N TYR A 243 -38.33 11.06 -2.13
CA TYR A 243 -37.76 9.77 -2.48
C TYR A 243 -37.79 9.57 -3.99
N THR A 244 -36.94 8.66 -4.46
CA THR A 244 -36.86 8.29 -5.87
C THR A 244 -37.03 6.80 -6.10
N TYR A 245 -37.14 6.03 -5.03
CA TYR A 245 -37.18 4.58 -5.09
C TYR A 245 -38.12 4.07 -4.02
N TRP A 246 -38.88 3.04 -4.37
CA TRP A 246 -39.75 2.36 -3.42
C TRP A 246 -39.66 0.88 -3.73
N GLY A 247 -39.29 0.07 -2.73
CA GLY A 247 -39.13 -1.35 -2.95
C GLY A 247 -40.45 -2.00 -3.36
N TYR A 248 -40.37 -2.89 -4.34
CA TYR A 248 -41.59 -3.54 -4.84
C TYR A 248 -42.22 -4.42 -3.79
N ARG A 249 -41.39 -5.21 -3.11
CA ARG A 249 -41.86 -6.37 -2.35
C ARG A 249 -42.83 -5.97 -1.25
N HIS A 250 -42.48 -4.95 -0.47
CA HIS A 250 -43.29 -4.53 0.66
C HIS A 250 -44.30 -3.46 0.29
N GLY A 251 -44.50 -3.24 -1.01
CA GLY A 251 -45.51 -2.29 -1.49
C GLY A 251 -45.41 -0.89 -0.92
N GLY A 252 -44.17 -0.40 -0.73
CA GLY A 252 -44.00 0.86 -0.03
C GLY A 252 -44.37 2.10 -0.83
N ARG A 253 -44.48 2.01 -2.17
CA ARG A 253 -44.77 3.20 -2.96
C ARG A 253 -46.15 3.78 -2.64
N LYS A 254 -47.14 2.91 -2.39
CA LYS A 254 -48.48 3.39 -2.10
C LYS A 254 -48.53 4.24 -0.84
N THR A 255 -47.56 4.06 0.07
CA THR A 255 -47.48 4.87 1.28
C THR A 255 -46.23 5.76 1.32
N ASN A 256 -45.52 5.91 0.21
CA ASN A 256 -44.32 6.74 0.12
C ASN A 256 -43.22 6.27 1.08
N LYS A 257 -43.12 4.96 1.33
CA LYS A 257 -42.04 4.43 2.18
C LYS A 257 -40.84 4.14 1.29
N GLY A 258 -40.07 5.18 1.01
CA GLY A 258 -39.08 5.06 -0.03
C GLY A 258 -37.70 5.52 0.35
N TRP A 259 -36.79 5.55 -0.64
CA TRP A 259 -35.44 6.05 -0.48
C TRP A 259 -35.14 7.01 -1.63
N ARG A 260 -34.19 7.90 -1.39
CA ARG A 260 -33.61 8.70 -2.46
C ARG A 260 -32.25 8.10 -2.81
N LEU A 261 -32.18 7.44 -3.96
CA LEU A 261 -30.97 6.79 -4.42
C LEU A 261 -30.43 7.41 -5.70
N ASP A 262 -31.17 8.33 -6.31
CA ASP A 262 -30.87 8.85 -7.62
C ASP A 262 -30.59 10.34 -7.51
N TYR A 263 -29.51 10.79 -8.12
CA TYR A 263 -29.00 12.12 -7.82
C TYR A 263 -28.54 12.87 -9.07
N PHE A 264 -28.47 14.18 -8.90
CA PHE A 264 -27.70 15.06 -9.77
C PHE A 264 -26.64 15.69 -8.90
N LEU A 265 -25.39 15.28 -9.10
CA LEU A 265 -24.24 15.84 -8.41
C LEU A 265 -23.43 16.65 -9.41
N VAL A 266 -23.12 17.90 -9.08
CA VAL A 266 -22.45 18.79 -10.02
C VAL A 266 -21.23 19.43 -9.38
N SER A 267 -20.24 19.74 -10.23
CA SER A 267 -19.05 20.47 -9.80
C SER A 267 -19.44 21.77 -9.11
N GLN A 268 -18.67 22.13 -8.06
CA GLN A 268 -18.92 23.39 -7.35
C GLN A 268 -19.02 24.55 -8.32
N SER A 269 -18.26 24.49 -9.43
CA SER A 269 -18.16 25.58 -10.39
C SER A 269 -19.48 25.91 -11.08
N ILE A 270 -20.40 24.95 -11.21
CA ILE A 270 -21.67 25.19 -11.88
C ILE A 270 -22.87 25.01 -10.94
N ALA A 271 -22.64 24.95 -9.63
CA ALA A 271 -23.75 24.75 -8.69
C ALA A 271 -24.71 25.91 -8.74
N ALA A 272 -24.22 27.12 -9.05
CA ALA A 272 -25.07 28.29 -9.14
C ALA A 272 -25.88 28.33 -10.43
N ASN A 273 -25.53 27.52 -11.41
CA ASN A 273 -26.28 27.48 -12.65
C ASN A 273 -27.49 26.56 -12.59
N VAL A 274 -27.64 25.77 -11.53
CA VAL A 274 -28.76 24.84 -11.43
C VAL A 274 -30.03 25.64 -11.15
N HIS A 275 -30.95 25.67 -12.11
CA HIS A 275 -32.23 26.33 -11.87
C HIS A 275 -33.18 25.41 -11.10
N ASP A 276 -33.29 24.15 -11.51
CA ASP A 276 -34.22 23.21 -10.89
C ASP A 276 -33.64 21.81 -10.94
N SER A 277 -33.56 21.16 -9.79
CA SER A 277 -33.25 19.74 -9.66
C SER A 277 -34.49 19.10 -9.05
N TYR A 278 -35.16 18.23 -9.79
CA TYR A 278 -36.49 17.84 -9.39
C TYR A 278 -36.70 16.34 -9.52
N ILE A 279 -37.83 15.88 -8.98
CA ILE A 279 -38.27 14.50 -8.99
C ILE A 279 -39.64 14.44 -9.64
N LEU A 280 -39.93 13.30 -10.28
CA LEU A 280 -41.19 13.06 -10.99
C LEU A 280 -41.82 11.81 -10.41
N PRO A 281 -42.31 11.88 -9.18
CA PRO A 281 -42.73 10.63 -8.50
C PRO A 281 -43.96 9.99 -9.09
N ASP A 282 -44.68 10.67 -9.99
CA ASP A 282 -45.90 10.14 -10.57
C ASP A 282 -45.65 9.18 -11.72
N ILE A 283 -44.44 9.14 -12.26
CA ILE A 283 -44.17 8.30 -13.42
C ILE A 283 -43.91 6.88 -12.95
N ASN A 284 -44.73 5.94 -13.40
CA ASN A 284 -44.61 4.53 -13.04
C ASN A 284 -43.87 3.76 -14.12
N GLY A 285 -43.65 2.48 -13.88
CA GLY A 285 -42.97 1.60 -14.81
C GLY A 285 -41.69 0.99 -14.28
N SER A 286 -41.17 1.48 -13.17
CA SER A 286 -39.97 0.96 -12.55
C SER A 286 -40.19 1.07 -11.05
N ASP A 287 -39.29 0.48 -10.27
CA ASP A 287 -39.33 0.80 -8.86
C ASP A 287 -38.60 2.10 -8.54
N HIS A 288 -37.91 2.68 -9.53
CA HIS A 288 -37.46 4.05 -9.42
C HIS A 288 -38.36 4.93 -10.26
N CYS A 289 -38.46 6.20 -9.87
CA CYS A 289 -39.09 7.20 -10.71
C CYS A 289 -38.01 8.11 -11.25
N PRO A 290 -38.30 8.86 -12.30
CA PRO A 290 -37.27 9.74 -12.87
C PRO A 290 -37.02 10.96 -12.01
N ILE A 291 -35.85 11.55 -12.25
CA ILE A 291 -35.48 12.85 -11.73
C ILE A 291 -35.00 13.70 -12.90
N GLY A 292 -35.05 15.01 -12.71
CA GLY A 292 -34.68 15.93 -13.77
C GLY A 292 -33.80 17.05 -13.23
N LEU A 293 -33.06 17.64 -14.16
CA LEU A 293 -32.17 18.75 -13.84
C LEU A 293 -32.29 19.79 -14.94
N ILE A 294 -32.50 21.04 -14.57
CA ILE A 294 -32.48 22.16 -15.51
C ILE A 294 -31.28 23.01 -15.16
N LEU A 295 -30.29 23.04 -16.05
CA LEU A 295 -29.02 23.71 -15.83
C LEU A 295 -28.88 24.91 -16.78
N LYS A 296 -28.64 26.10 -16.22
CA LYS A 296 -28.36 27.25 -17.06
C LYS A 296 -26.96 27.15 -17.61
N LEU A 297 -26.78 27.50 -18.87
CA LEU A 297 -25.47 27.34 -19.50
C LEU A 297 -24.74 28.68 -19.59
N SER B 2 41.26 -7.34 -1.52
CA SER B 2 40.97 -6.58 -2.74
C SER B 2 40.47 -5.16 -2.44
N GLU B 3 41.39 -4.25 -2.13
CA GLU B 3 41.07 -2.84 -1.88
C GLU B 3 41.97 -2.01 -2.79
N PRO B 4 41.68 -1.98 -4.09
CA PRO B 4 42.64 -1.35 -5.03
C PRO B 4 42.85 0.13 -4.76
N TRP B 5 41.91 0.80 -4.11
CA TRP B 5 42.09 2.20 -3.77
C TRP B 5 43.20 2.43 -2.76
N THR B 6 43.67 1.39 -2.08
CA THR B 6 44.80 1.54 -1.16
C THR B 6 46.15 1.45 -1.88
N VAL B 7 46.13 1.25 -3.19
CA VAL B 7 47.36 1.26 -3.98
C VAL B 7 47.73 2.72 -4.23
N LEU B 8 48.90 3.14 -3.76
CA LEU B 8 49.33 4.48 -4.12
C LEU B 8 49.74 4.48 -5.58
N ALA B 9 48.79 4.74 -6.48
CA ALA B 9 49.07 4.74 -7.92
C ALA B 9 49.26 6.19 -8.35
N HIS B 10 50.51 6.54 -8.64
CA HIS B 10 50.88 7.89 -9.04
C HIS B 10 52.29 7.93 -9.61
N LYS B 11 52.44 8.53 -10.78
CA LYS B 11 53.70 8.58 -11.51
C LYS B 11 54.62 9.70 -11.02
N LYS B 12 54.10 10.70 -10.33
CA LYS B 12 54.88 11.84 -9.85
C LYS B 12 54.59 12.09 -8.38
N PRO B 13 54.89 11.12 -7.51
CA PRO B 13 54.46 11.25 -6.11
C PRO B 13 55.34 12.20 -5.29
N GLN B 14 54.71 12.87 -4.33
CA GLN B 14 55.40 13.65 -3.32
C GLN B 14 55.72 12.76 -2.09
N LYS B 15 56.53 13.32 -1.18
CA LYS B 15 57.19 12.53 -0.16
C LYS B 15 56.21 11.88 0.82
N ASP B 16 55.29 12.67 1.38
CA ASP B 16 54.44 12.16 2.45
C ASP B 16 53.07 11.67 1.96
N TRP B 17 52.90 11.43 0.67
CA TRP B 17 51.56 11.12 0.16
C TRP B 17 51.11 9.73 0.57
N LYS B 18 49.82 9.63 0.90
CA LYS B 18 49.18 8.40 1.29
C LYS B 18 48.00 8.13 0.36
N ALA B 19 47.70 6.86 0.17
CA ALA B 19 46.51 6.45 -0.56
C ALA B 19 45.28 6.56 0.33
N TYR B 20 44.16 6.97 -0.26
CA TYR B 20 42.91 7.12 0.49
C TYR B 20 42.40 5.77 0.98
N ASN B 21 42.18 5.65 2.29
CA ASN B 21 41.59 4.46 2.89
C ASN B 21 40.36 4.88 3.68
N PRO B 22 39.15 4.65 3.17
CA PRO B 22 37.95 5.11 3.90
C PRO B 22 37.77 4.45 5.24
N LYS B 23 38.37 3.28 5.45
CA LYS B 23 38.23 2.56 6.70
C LYS B 23 39.10 3.16 7.81
N THR B 24 40.26 3.73 7.48
CA THR B 24 41.11 4.31 8.50
C THR B 24 41.12 5.84 8.54
N MET B 25 40.60 6.53 7.52
CA MET B 25 40.76 7.97 7.47
C MET B 25 39.45 8.74 7.61
N ARG B 26 38.35 8.08 7.73
CA ARG B 26 37.16 8.88 7.97
C ARG B 26 36.89 9.03 9.47
N PRO B 27 36.35 10.17 9.90
CA PRO B 27 35.97 10.32 11.31
C PRO B 27 34.80 9.42 11.66
N PRO B 28 34.60 9.14 12.93
CA PRO B 28 33.40 8.36 13.34
C PRO B 28 32.13 9.13 13.06
N PRO B 29 30.99 8.45 12.93
CA PRO B 29 29.74 9.15 12.66
C PRO B 29 29.38 10.11 13.79
N LEU B 30 28.61 11.13 13.44
CA LEU B 30 28.12 12.05 14.45
C LEU B 30 27.11 11.33 15.36
N PRO B 31 26.98 11.76 16.62
CA PRO B 31 25.90 11.24 17.47
C PRO B 31 24.55 11.45 16.80
N GLU B 32 23.61 10.53 17.08
CA GLU B 32 22.31 10.49 16.40
C GLU B 32 21.52 11.79 16.52
N GLY B 33 21.72 12.55 17.59
CA GLY B 33 20.93 13.76 17.76
C GLY B 33 21.45 15.01 17.06
N THR B 34 22.71 15.00 16.61
CA THR B 34 23.30 16.15 15.94
C THR B 34 22.54 16.51 14.65
N LYS B 35 22.05 17.75 14.57
CA LYS B 35 21.38 18.18 13.35
C LYS B 35 22.40 18.28 12.22
N CYS B 36 22.17 17.52 11.15
CA CYS B 36 23.10 17.41 10.06
C CYS B 36 22.36 16.96 8.82
N VAL B 37 23.01 17.11 7.68
CA VAL B 37 22.52 16.58 6.41
C VAL B 37 23.62 15.75 5.77
N LYS B 38 23.22 14.66 5.10
CA LYS B 38 24.16 13.76 4.45
C LYS B 38 23.81 13.70 2.97
N VAL B 39 24.77 14.04 2.12
CA VAL B 39 24.55 14.09 0.67
C VAL B 39 25.50 13.10 0.01
N MET B 40 24.98 12.35 -0.96
CA MET B 40 25.79 11.50 -1.83
C MET B 40 25.64 11.96 -3.27
N THR B 41 26.75 11.93 -4.01
CA THR B 41 26.82 12.41 -5.38
C THR B 41 27.47 11.35 -6.26
N TRP B 42 26.92 11.15 -7.46
CA TRP B 42 27.40 10.05 -8.30
C TRP B 42 27.12 10.32 -9.78
N ASN B 43 28.19 10.30 -10.58
CA ASN B 43 28.05 10.23 -12.03
C ASN B 43 27.79 8.77 -12.39
N VAL B 44 26.56 8.46 -12.79
CA VAL B 44 26.14 7.08 -12.95
C VAL B 44 26.39 6.54 -14.35
N ASN B 45 26.89 7.38 -15.27
CA ASN B 45 27.22 6.94 -16.64
C ASN B 45 26.04 6.20 -17.29
N GLY B 46 24.84 6.78 -17.16
CA GLY B 46 23.65 6.16 -17.68
C GLY B 46 22.82 5.48 -16.60
N LEU B 47 21.72 6.11 -16.17
CA LEU B 47 20.97 5.59 -15.03
C LEU B 47 20.34 4.24 -15.35
N ARG B 48 19.77 4.09 -16.54
CA ARG B 48 19.17 2.82 -16.92
C ARG B 48 20.22 1.71 -16.96
N GLY B 49 21.37 1.99 -17.58
CA GLY B 49 22.44 1.00 -17.58
C GLY B 49 22.89 0.63 -16.18
N LEU B 50 23.00 1.63 -15.30
CA LEU B 50 23.41 1.35 -13.92
C LEU B 50 22.45 0.38 -13.25
N LEU B 51 21.14 0.53 -13.48
CA LEU B 51 20.17 -0.36 -12.84
C LEU B 51 20.27 -1.79 -13.36
N LYS B 52 20.82 -1.98 -14.55
CA LYS B 52 21.04 -3.31 -15.08
C LYS B 52 22.38 -3.89 -14.65
N PHE B 53 23.22 -3.10 -13.99
CA PHE B 53 24.51 -3.61 -13.56
C PHE B 53 24.30 -4.72 -12.53
N GLU B 54 24.92 -5.87 -12.80
CA GLU B 54 24.57 -7.11 -12.10
C GLU B 54 24.71 -6.97 -10.59
N SER B 55 25.78 -6.35 -10.12
CA SER B 55 26.01 -6.28 -8.69
C SER B 55 25.50 -5.00 -8.04
N PHE B 56 24.60 -4.26 -8.69
CA PHE B 56 24.11 -3.01 -8.12
C PHE B 56 22.69 -3.14 -7.60
N SER B 57 22.47 -2.64 -6.39
CA SER B 57 21.14 -2.54 -5.77
C SER B 57 21.03 -1.15 -5.17
N ALA B 58 20.12 -0.35 -5.73
CA ALA B 58 19.90 0.99 -5.20
C ALA B 58 19.46 0.93 -3.74
N LEU B 59 18.58 -0.02 -3.39
CA LEU B 59 18.10 -0.10 -2.01
C LEU B 59 19.22 -0.41 -1.05
N GLN B 60 20.11 -1.31 -1.45
CA GLN B 60 21.26 -1.63 -0.61
C GLN B 60 22.14 -0.41 -0.39
N LEU B 61 22.39 0.38 -1.44
CA LEU B 61 23.20 1.59 -1.25
C LEU B 61 22.57 2.54 -0.24
N ALA B 62 21.26 2.74 -0.34
CA ALA B 62 20.59 3.65 0.58
C ALA B 62 20.66 3.16 2.03
N GLN B 63 20.44 1.86 2.25
CA GLN B 63 20.52 1.35 3.62
C GLN B 63 21.93 1.45 4.16
N ARG B 64 22.93 1.13 3.34
CA ARG B 64 24.31 1.19 3.83
C ARG B 64 24.69 2.62 4.16
N GLU B 65 24.38 3.55 3.27
CA GLU B 65 24.87 4.92 3.43
C GLU B 65 23.88 5.84 4.10
N ASN B 66 22.58 5.57 4.00
CA ASN B 66 21.57 6.34 4.70
C ASN B 66 21.70 7.85 4.45
N PHE B 67 21.87 8.21 3.18
CA PHE B 67 21.94 9.63 2.84
C PHE B 67 20.54 10.24 2.90
N ASP B 68 20.51 11.56 3.08
CA ASP B 68 19.26 12.28 2.94
C ASP B 68 19.00 12.71 1.51
N ILE B 69 20.04 13.02 0.74
CA ILE B 69 19.93 13.58 -0.60
C ILE B 69 20.89 12.85 -1.52
N LEU B 70 20.42 12.55 -2.74
CA LEU B 70 21.21 11.88 -3.77
C LEU B 70 21.26 12.77 -5.01
N CYS B 71 22.47 13.10 -5.47
CA CYS B 71 22.69 13.95 -6.65
C CYS B 71 23.33 13.10 -7.75
N LEU B 72 22.67 13.04 -8.92
CA LEU B 72 23.16 12.21 -10.03
C LEU B 72 23.63 13.08 -11.19
N GLN B 73 24.62 12.58 -11.93
CA GLN B 73 24.99 13.16 -13.20
C GLN B 73 25.04 12.06 -14.25
N GLU B 74 24.88 12.48 -15.52
CA GLU B 74 24.80 11.56 -16.65
C GLU B 74 23.71 10.51 -16.45
N THR B 75 22.52 10.99 -16.10
CA THR B 75 21.37 10.09 -16.13
C THR B 75 21.12 9.55 -17.54
N LYS B 76 21.42 10.35 -18.56
CA LYS B 76 21.15 10.06 -19.97
C LYS B 76 19.67 9.86 -20.27
N LEU B 77 18.78 10.40 -19.43
CA LEU B 77 17.36 10.29 -19.69
C LEU B 77 16.86 11.35 -20.68
N GLN B 78 15.81 11.02 -21.41
CA GLN B 78 15.04 12.05 -22.10
C GLN B 78 13.89 12.52 -21.22
N VAL B 79 13.34 13.70 -21.56
CA VAL B 79 12.24 14.22 -20.75
C VAL B 79 11.12 13.20 -20.66
N LYS B 80 10.86 12.46 -21.75
CA LYS B 80 9.77 11.48 -21.76
C LYS B 80 9.94 10.37 -20.73
N ASP B 81 11.14 10.12 -20.23
CA ASP B 81 11.34 9.04 -19.26
C ASP B 81 11.06 9.47 -17.82
N VAL B 82 11.00 10.77 -17.53
CA VAL B 82 10.99 11.23 -16.15
C VAL B 82 9.72 10.78 -15.43
N GLU B 83 8.59 10.87 -16.12
CA GLU B 83 7.31 10.45 -15.54
C GLU B 83 7.41 9.07 -14.92
N GLU B 84 7.95 8.11 -15.67
CA GLU B 84 8.06 6.76 -15.13
C GLU B 84 9.11 6.70 -14.04
N ILE B 85 10.26 7.33 -14.28
CA ILE B 85 11.39 7.21 -13.35
C ILE B 85 10.99 7.71 -11.97
N LYS B 86 10.20 8.79 -11.91
CA LYS B 86 9.72 9.31 -10.63
C LYS B 86 8.81 8.32 -9.89
N LYS B 87 8.39 7.25 -10.57
CA LYS B 87 7.52 6.23 -10.00
C LYS B 87 8.27 4.96 -9.64
N THR B 88 9.48 4.76 -10.16
CA THR B 88 10.30 3.59 -9.91
C THR B 88 11.36 3.84 -8.85
N LEU B 89 11.42 5.06 -8.33
CA LEU B 89 12.43 5.45 -7.35
C LEU B 89 12.51 4.47 -6.18
N ILE B 90 13.43 4.81 -5.28
CA ILE B 90 13.71 3.98 -4.13
C ILE B 90 12.70 4.33 -3.06
N ASP B 91 12.26 3.33 -2.31
CA ASP B 91 11.32 3.63 -1.23
C ASP B 91 12.06 4.39 -0.15
N GLY B 92 11.38 5.34 0.47
CA GLY B 92 11.98 6.20 1.47
C GLY B 92 12.37 7.58 0.99
N TYR B 93 12.34 7.84 -0.32
CA TYR B 93 12.74 9.12 -0.88
C TYR B 93 11.62 9.70 -1.77
N ASP B 94 10.80 10.59 -1.24
CA ASP B 94 9.59 11.04 -1.92
C ASP B 94 9.80 12.18 -2.91
N HIS B 95 10.89 12.93 -2.81
CA HIS B 95 11.08 14.12 -3.63
C HIS B 95 12.20 13.90 -4.63
N SER B 96 11.89 14.04 -5.92
CA SER B 96 12.89 13.88 -6.96
C SER B 96 12.71 14.96 -8.03
N PHE B 97 13.84 15.41 -8.59
CA PHE B 97 13.85 16.52 -9.55
C PHE B 97 14.88 16.21 -10.64
N TRP B 98 14.47 16.35 -11.90
CA TRP B 98 15.22 15.85 -13.05
C TRP B 98 15.39 16.92 -14.12
N SER B 99 16.59 17.01 -14.68
CA SER B 99 16.88 17.92 -15.79
C SER B 99 17.52 17.11 -16.91
N CYS B 100 16.88 17.07 -18.07
CA CYS B 100 17.32 16.23 -19.16
C CYS B 100 17.85 17.07 -20.30
N SER B 101 18.77 16.50 -21.06
CA SER B 101 19.24 17.13 -22.27
C SER B 101 18.16 17.06 -23.33
N VAL B 102 17.85 18.20 -23.94
CA VAL B 102 16.87 18.27 -25.02
C VAL B 102 17.51 18.52 -26.39
N SER B 103 18.77 18.99 -26.45
CA SER B 103 19.48 19.20 -27.71
C SER B 103 20.14 17.91 -28.20
N LYS B 104 20.86 17.21 -27.34
CA LYS B 104 21.23 15.80 -27.60
C LYS B 104 20.41 14.78 -26.83
N LEU B 105 19.93 13.74 -27.53
CA LEU B 105 19.11 12.74 -26.88
C LEU B 105 19.96 11.62 -26.29
N GLY B 106 19.58 11.19 -25.09
CA GLY B 106 20.28 10.14 -24.36
C GLY B 106 21.64 10.58 -23.86
N TYR B 107 21.74 11.81 -23.34
CA TYR B 107 23.03 12.45 -23.17
C TYR B 107 22.98 13.29 -21.90
N SER B 108 24.11 13.34 -21.19
CA SER B 108 24.18 14.21 -20.02
C SER B 108 23.01 13.93 -19.05
N GLY B 109 22.44 14.97 -18.45
CA GLY B 109 21.29 14.80 -17.57
C GLY B 109 21.65 14.74 -16.09
N THR B 110 20.91 15.45 -15.25
CA THR B 110 21.18 15.46 -13.82
C THR B 110 19.91 15.22 -13.03
N ALA B 111 20.07 14.94 -11.75
CA ALA B 111 18.90 14.73 -10.92
C ALA B 111 19.25 14.90 -9.46
N ILE B 112 18.28 15.33 -8.67
CA ILE B 112 18.38 15.40 -7.22
C ILE B 112 17.21 14.62 -6.63
N ILE B 113 17.53 13.66 -5.76
CA ILE B 113 16.55 12.80 -5.09
C ILE B 113 16.67 13.00 -3.58
N SER B 114 15.55 13.25 -2.90
CA SER B 114 15.64 13.68 -1.51
C SER B 114 14.48 13.17 -0.66
N ARG B 115 14.80 12.79 0.59
CA ARG B 115 13.75 12.62 1.60
C ARG B 115 13.53 13.90 2.39
N ILE B 116 14.20 14.99 2.03
CA ILE B 116 13.91 16.31 2.55
C ILE B 116 13.24 17.12 1.45
N LYS B 117 12.12 17.74 1.78
CA LYS B 117 11.36 18.55 0.83
C LYS B 117 12.11 19.87 0.63
N PRO B 118 12.57 20.17 -0.58
CA PRO B 118 13.26 21.46 -0.78
C PRO B 118 12.27 22.61 -0.67
N LEU B 119 12.79 23.78 -0.27
CA LEU B 119 11.93 24.96 -0.28
C LEU B 119 11.60 25.39 -1.69
N SER B 120 12.52 25.17 -2.62
CA SER B 120 12.36 25.49 -4.04
C SER B 120 13.43 24.74 -4.81
N VAL B 121 13.16 24.52 -6.09
CA VAL B 121 14.08 23.88 -7.01
C VAL B 121 14.03 24.61 -8.34
N ARG B 122 15.18 25.00 -8.86
CA ARG B 122 15.29 25.66 -10.14
C ARG B 122 16.30 24.89 -10.99
N TYR B 123 16.17 25.04 -12.29
CA TYR B 123 17.01 24.33 -13.25
C TYR B 123 17.82 25.33 -14.04
N GLY B 124 19.02 24.93 -14.47
CA GLY B 124 19.86 25.82 -15.26
C GLY B 124 20.39 26.97 -14.42
N THR B 125 20.89 28.00 -15.10
CA THR B 125 21.44 29.16 -14.40
C THR B 125 20.41 30.28 -14.43
N GLY B 126 20.04 30.78 -13.25
CA GLY B 126 19.09 31.85 -13.15
C GLY B 126 17.65 31.38 -13.27
N LEU B 127 16.79 32.37 -13.50
CA LEU B 127 15.35 32.15 -13.61
C LEU B 127 14.96 32.03 -15.08
N SER B 128 15.59 31.11 -15.80
CA SER B 128 15.37 30.96 -17.23
C SER B 128 15.21 29.49 -17.62
N GLY B 129 14.20 28.83 -17.02
CA GLY B 129 13.82 27.47 -17.40
C GLY B 129 14.86 26.41 -17.07
N HIS B 130 15.34 25.68 -18.08
CA HIS B 130 16.32 24.61 -17.91
C HIS B 130 17.58 24.88 -18.72
N ASP B 131 18.67 24.23 -18.31
CA ASP B 131 19.85 24.13 -19.14
C ASP B 131 19.60 23.16 -20.30
N THR B 132 20.14 23.48 -21.48
CA THR B 132 19.78 22.77 -22.70
C THR B 132 20.26 21.32 -22.69
N GLU B 133 21.35 21.04 -21.97
CA GLU B 133 21.88 19.69 -21.88
C GLU B 133 21.60 19.05 -20.54
N GLY B 134 20.70 19.63 -19.75
CA GLY B 134 20.29 19.10 -18.46
C GLY B 134 21.42 19.01 -17.45
N ARG B 135 22.24 20.05 -17.35
CA ARG B 135 23.48 19.97 -16.61
C ARG B 135 23.44 20.59 -15.22
N ILE B 136 22.33 21.19 -14.79
CA ILE B 136 22.31 21.86 -13.49
C ILE B 136 20.95 21.70 -12.84
N VAL B 137 20.94 21.28 -11.56
CA VAL B 137 19.74 21.32 -10.73
C VAL B 137 20.08 22.02 -9.41
N THR B 138 19.28 23.02 -9.03
CA THR B 138 19.50 23.78 -7.79
C THR B 138 18.34 23.58 -6.85
N ALA B 139 18.59 22.98 -5.69
CA ALA B 139 17.58 22.80 -4.66
C ALA B 139 17.94 23.66 -3.48
N GLU B 140 17.00 24.48 -3.05
CA GLU B 140 17.15 25.32 -1.87
C GLU B 140 16.63 24.60 -0.63
N PHE B 141 17.45 24.57 0.40
CA PHE B 141 17.00 24.06 1.68
C PHE B 141 16.98 25.20 2.68
N ASP B 142 16.75 24.87 3.94
CA ASP B 142 16.53 25.89 4.97
C ASP B 142 17.73 26.82 5.09
N SER B 143 18.92 26.27 5.15
CA SER B 143 20.12 27.03 5.45
C SER B 143 21.13 27.06 4.32
N PHE B 144 20.88 26.37 3.21
CA PHE B 144 21.87 26.34 2.15
C PHE B 144 21.18 25.98 0.85
N TYR B 145 21.86 26.28 -0.25
CA TYR B 145 21.48 25.84 -1.58
C TYR B 145 22.34 24.64 -1.94
N LEU B 146 21.75 23.67 -2.62
CA LEU B 146 22.49 22.53 -3.14
C LEU B 146 22.43 22.59 -4.66
N ILE B 147 23.59 22.82 -5.29
CA ILE B 147 23.70 22.91 -6.74
C ILE B 147 24.37 21.64 -7.23
N ASN B 148 23.65 20.86 -8.04
CA ASN B 148 24.16 19.63 -8.63
C ASN B 148 24.46 19.88 -10.10
N THR B 149 25.70 19.64 -10.52
CA THR B 149 26.06 19.96 -11.88
C THR B 149 26.91 18.87 -12.52
N TYR B 150 26.73 18.73 -13.83
CA TYR B 150 27.58 17.89 -14.66
C TYR B 150 28.23 18.85 -15.66
N VAL B 151 29.49 19.19 -15.42
CA VAL B 151 30.22 20.21 -16.20
C VAL B 151 30.59 19.64 -17.57
N PRO B 152 30.43 20.40 -18.65
CA PRO B 152 30.78 19.87 -19.99
C PRO B 152 32.23 19.42 -20.06
N ASN B 153 32.42 18.20 -20.54
CA ASN B 153 33.72 17.67 -20.87
C ASN B 153 34.34 18.45 -22.02
N SER B 154 35.60 18.88 -21.87
CA SER B 154 36.19 19.66 -22.96
C SER B 154 36.37 18.83 -24.22
N GLY B 155 36.33 17.50 -24.12
CA GLY B 155 36.21 16.64 -25.28
C GLY B 155 37.51 16.13 -25.86
N ASP B 156 37.36 15.16 -26.75
CA ASP B 156 38.47 14.64 -27.53
C ASP B 156 39.06 15.77 -28.35
N GLY B 157 40.39 15.90 -28.30
CA GLY B 157 41.01 16.98 -29.03
C GLY B 157 40.65 18.36 -28.54
N LEU B 158 40.11 18.47 -27.32
CA LEU B 158 39.79 19.76 -26.71
C LEU B 158 38.84 20.60 -27.56
N LYS B 159 37.97 19.93 -28.34
CA LYS B 159 37.10 20.68 -29.26
C LYS B 159 36.18 21.65 -28.53
N ARG B 160 35.88 21.41 -27.27
CA ARG B 160 34.95 22.27 -26.55
C ARG B 160 35.65 23.12 -25.49
N LEU B 161 37.00 23.15 -25.49
CA LEU B 161 37.73 23.85 -24.44
C LEU B 161 37.38 25.34 -24.38
N SER B 162 37.29 25.98 -25.54
CA SER B 162 37.00 27.41 -25.57
C SER B 162 35.64 27.71 -24.94
N TYR B 163 34.60 26.95 -25.32
CA TYR B 163 33.29 27.10 -24.71
C TYR B 163 33.38 26.84 -23.20
N ARG B 164 34.10 25.80 -22.82
CA ARG B 164 34.21 25.39 -21.42
C ARG B 164 34.81 26.52 -20.58
N ILE B 165 35.91 27.12 -21.06
CA ILE B 165 36.59 28.16 -20.30
C ILE B 165 35.83 29.47 -20.38
N GLU B 166 35.44 29.87 -21.59
CA GLU B 166 34.94 31.22 -21.79
C GLU B 166 33.45 31.36 -21.51
N GLU B 167 32.64 30.31 -21.68
CA GLU B 167 31.21 30.42 -21.48
C GLU B 167 30.76 29.65 -20.23
N TRP B 168 30.91 28.33 -20.23
CA TRP B 168 30.36 27.53 -19.14
C TRP B 168 30.94 27.92 -17.80
N ASP B 169 32.29 27.91 -17.67
CA ASP B 169 32.91 28.05 -16.36
C ASP B 169 32.52 29.36 -15.69
N ARG B 170 32.55 30.46 -16.44
CA ARG B 170 32.22 31.75 -15.85
C ARG B 170 30.74 31.84 -15.54
N THR B 171 29.89 31.21 -16.36
CA THR B 171 28.45 31.27 -16.14
C THR B 171 28.06 30.48 -14.89
N LEU B 172 28.63 29.28 -14.72
CA LEU B 172 28.40 28.54 -13.48
C LEU B 172 28.94 29.32 -12.29
N SER B 173 30.09 29.95 -12.46
CA SER B 173 30.69 30.76 -11.40
C SER B 173 29.73 31.87 -10.96
N ASN B 174 29.17 32.59 -11.94
CA ASN B 174 28.23 33.67 -11.63
C ASN B 174 26.95 33.13 -11.01
N HIS B 175 26.49 31.95 -11.41
CA HIS B 175 25.28 31.41 -10.82
C HIS B 175 25.46 31.14 -9.32
N ILE B 176 26.59 30.54 -8.93
CA ILE B 176 26.74 30.17 -7.52
C ILE B 176 26.99 31.42 -6.67
N LYS B 177 27.71 32.41 -7.21
CA LYS B 177 27.94 33.63 -6.45
C LYS B 177 26.65 34.40 -6.25
N GLU B 178 25.78 34.43 -7.24
CA GLU B 178 24.48 35.09 -7.07
C GLU B 178 23.67 34.46 -5.96
N LEU B 179 23.54 33.12 -5.96
CA LEU B 179 22.76 32.48 -4.90
C LEU B 179 23.41 32.69 -3.54
N GLU B 180 24.75 32.69 -3.52
CA GLU B 180 25.45 32.88 -2.25
C GLU B 180 25.02 34.15 -1.54
N LYS B 181 24.51 35.13 -2.29
CA LYS B 181 24.08 36.38 -1.69
C LYS B 181 22.92 36.19 -0.70
N SER B 182 22.17 35.10 -0.80
CA SER B 182 21.10 34.84 0.17
C SER B 182 21.38 33.67 1.11
N LYS B 183 22.04 32.60 0.65
CA LYS B 183 22.34 31.47 1.52
C LYS B 183 23.64 30.85 1.04
N PRO B 184 24.41 30.23 1.93
CA PRO B 184 25.63 29.54 1.50
C PRO B 184 25.34 28.36 0.59
N VAL B 185 26.33 28.04 -0.25
CA VAL B 185 26.17 27.11 -1.36
C VAL B 185 27.01 25.87 -1.12
N VAL B 186 26.43 24.71 -1.40
CA VAL B 186 27.16 23.46 -1.55
C VAL B 186 27.08 23.10 -3.03
N LEU B 187 28.21 23.18 -3.74
CA LEU B 187 28.26 22.80 -5.14
C LEU B 187 28.82 21.38 -5.23
N THR B 188 28.13 20.52 -5.94
CA THR B 188 28.58 19.14 -6.05
C THR B 188 28.35 18.65 -7.47
N GLY B 189 29.06 17.61 -7.84
CA GLY B 189 28.90 16.97 -9.12
C GLY B 189 30.24 16.64 -9.76
N ASP B 190 30.17 16.30 -11.05
CA ASP B 190 31.33 16.00 -11.87
C ASP B 190 31.78 17.31 -12.50
N LEU B 191 32.85 17.89 -11.97
CA LEU B 191 33.35 19.19 -12.41
C LEU B 191 34.32 19.07 -13.57
N ASN B 192 34.61 17.85 -14.01
CA ASN B 192 35.40 17.57 -15.21
C ASN B 192 36.70 18.37 -15.21
N CYS B 193 37.37 18.31 -14.06
CA CYS B 193 38.68 18.92 -13.88
C CYS B 193 39.38 18.25 -12.69
N ALA B 194 40.59 17.75 -12.93
CA ALA B 194 41.48 17.33 -11.85
C ALA B 194 42.34 18.54 -11.46
N HIS B 195 42.04 19.14 -10.31
CA HIS B 195 42.59 20.45 -10.00
C HIS B 195 44.11 20.40 -9.90
N GLU B 196 44.65 19.50 -9.09
CA GLU B 196 46.08 19.46 -8.85
C GLU B 196 46.69 18.14 -9.30
N GLU B 197 48.03 18.09 -9.30
CA GLU B 197 48.71 16.88 -9.75
C GLU B 197 48.33 15.69 -8.89
N ILE B 198 48.04 15.92 -7.62
CA ILE B 198 47.66 14.85 -6.70
C ILE B 198 46.33 14.24 -7.11
N ASP B 199 45.57 14.93 -7.97
CA ASP B 199 44.24 14.51 -8.37
C ASP B 199 44.24 13.70 -9.66
N ILE B 200 45.41 13.35 -10.17
CA ILE B 200 45.46 12.57 -11.40
C ILE B 200 46.69 11.68 -11.33
N PHE B 201 46.51 10.41 -11.69
CA PHE B 201 47.61 9.46 -11.52
C PHE B 201 48.75 9.73 -12.49
N ASN B 202 48.48 10.27 -13.68
CA ASN B 202 49.51 10.55 -14.69
C ASN B 202 49.43 12.00 -15.17
N PRO B 203 49.92 12.94 -14.36
CA PRO B 203 49.86 14.36 -14.77
C PRO B 203 50.66 14.66 -16.03
N ALA B 204 51.87 14.12 -16.12
CA ALA B 204 52.78 14.48 -17.20
C ALA B 204 52.24 14.03 -18.56
N GLY B 205 51.67 12.84 -18.64
CA GLY B 205 51.10 12.32 -19.86
C GLY B 205 49.76 12.89 -20.29
N ASN B 206 49.18 13.79 -19.49
CA ASN B 206 47.83 14.25 -19.76
C ASN B 206 47.74 15.77 -19.78
N LYS B 207 48.86 16.45 -20.03
CA LYS B 207 48.88 17.91 -20.02
C LYS B 207 47.88 18.51 -21.01
N ARG B 208 47.63 17.83 -22.14
CA ARG B 208 46.65 18.31 -23.10
C ARG B 208 45.41 17.41 -23.10
N SER B 209 45.15 16.69 -22.02
CA SER B 209 43.95 15.88 -21.94
C SER B 209 42.83 16.70 -21.35
N ALA B 210 41.62 16.50 -21.87
CA ALA B 210 40.42 17.11 -21.28
C ALA B 210 40.37 16.79 -19.80
N GLY B 211 40.18 17.81 -18.98
CA GLY B 211 40.11 17.64 -17.55
C GLY B 211 41.37 17.99 -16.80
N PHE B 212 42.53 18.06 -17.50
CA PHE B 212 43.78 18.42 -16.85
C PHE B 212 44.60 19.44 -17.65
N THR B 213 44.01 20.18 -18.59
CA THR B 213 44.77 21.26 -19.20
C THR B 213 44.96 22.38 -18.19
N ILE B 214 46.07 23.10 -18.33
CA ILE B 214 46.35 24.22 -17.46
C ILE B 214 45.21 25.24 -17.54
N GLU B 215 44.58 25.39 -18.71
CA GLU B 215 43.45 26.32 -18.84
C GLU B 215 42.29 25.92 -17.93
N GLU B 216 41.96 24.62 -17.89
CA GLU B 216 40.84 24.17 -17.07
C GLU B 216 41.18 24.28 -15.59
N ARG B 217 42.42 23.91 -15.22
CA ARG B 217 42.83 23.99 -13.83
C ARG B 217 42.89 25.44 -13.37
N GLN B 218 43.39 26.33 -14.24
CA GLN B 218 43.45 27.74 -13.88
C GLN B 218 42.05 28.31 -13.71
N SER B 219 41.13 27.92 -14.60
CA SER B 219 39.74 28.37 -14.47
C SER B 219 39.09 27.80 -13.20
N PHE B 220 39.32 26.52 -12.92
CA PHE B 220 38.87 25.94 -11.66
C PHE B 220 39.33 26.77 -10.47
N GLY B 221 40.64 27.09 -10.43
CA GLY B 221 41.15 27.87 -9.31
C GLY B 221 40.58 29.28 -9.26
N ALA B 222 40.50 29.95 -10.40
CA ALA B 222 40.15 31.37 -10.42
C ALA B 222 38.65 31.58 -10.33
N ASN B 223 37.83 30.71 -10.91
CA ASN B 223 36.40 30.97 -10.92
C ASN B 223 35.63 30.28 -9.80
N LEU B 224 36.21 29.27 -9.16
CA LEU B 224 35.56 28.56 -8.07
C LEU B 224 36.30 28.79 -6.76
N LEU B 225 37.49 28.21 -6.60
CA LEU B 225 38.17 28.26 -5.29
C LEU B 225 38.47 29.70 -4.89
N ASP B 226 39.07 30.49 -5.78
CA ASP B 226 39.44 31.88 -5.42
C ASP B 226 38.24 32.80 -5.27
N LYS B 227 37.03 32.34 -5.57
CA LYS B 227 35.84 33.15 -5.34
C LYS B 227 35.12 32.73 -4.05
N GLY B 228 35.85 32.11 -3.12
CA GLY B 228 35.32 31.81 -1.81
C GLY B 228 34.76 30.42 -1.62
N PHE B 229 35.23 29.43 -2.37
CA PHE B 229 34.77 28.07 -2.19
C PHE B 229 35.92 27.15 -1.80
N VAL B 230 35.57 26.11 -1.04
CA VAL B 230 36.52 25.21 -0.43
C VAL B 230 36.33 23.81 -1.00
N ASP B 231 37.42 23.22 -1.48
CA ASP B 231 37.46 21.82 -1.87
C ASP B 231 37.48 20.99 -0.60
N THR B 232 36.31 20.49 -0.19
CA THR B 232 36.18 19.88 1.14
C THR B 232 37.06 18.64 1.29
N PHE B 233 37.15 17.80 0.25
CA PHE B 233 37.97 16.60 0.39
C PHE B 233 39.44 16.94 0.51
N ARG B 234 39.92 17.89 -0.30
CA ARG B 234 41.33 18.25 -0.24
C ARG B 234 41.66 18.89 1.09
N LYS B 235 40.79 19.79 1.57
CA LYS B 235 40.99 20.41 2.87
C LYS B 235 41.07 19.36 3.97
N GLN B 236 40.19 18.35 3.93
CA GLN B 236 40.21 17.33 4.97
C GLN B 236 41.41 16.40 4.82
N HIS B 237 41.88 16.17 3.60
CA HIS B 237 42.89 15.13 3.35
C HIS B 237 44.06 15.67 2.53
N PRO B 238 44.85 16.58 3.10
CA PRO B 238 46.07 17.01 2.40
C PRO B 238 47.04 15.85 2.21
N GLY B 239 47.65 15.79 1.03
CA GLY B 239 48.60 14.73 0.78
C GLY B 239 48.00 13.36 0.65
N VAL B 240 46.69 13.25 0.40
CA VAL B 240 46.04 11.96 0.29
C VAL B 240 45.66 11.79 -1.18
N VAL B 241 46.13 10.70 -1.78
CA VAL B 241 45.78 10.37 -3.16
C VAL B 241 44.45 9.60 -3.10
N GLY B 242 43.39 10.21 -3.63
CA GLY B 242 42.08 9.60 -3.72
C GLY B 242 41.41 9.95 -5.04
N TYR B 243 40.93 8.94 -5.76
CA TYR B 243 40.33 9.14 -7.07
C TYR B 243 38.84 8.84 -7.04
N THR B 244 38.14 9.41 -8.02
CA THR B 244 36.70 9.19 -8.17
C THR B 244 36.33 8.68 -9.56
N TYR B 245 37.30 8.54 -10.46
CA TYR B 245 37.06 8.15 -11.83
C TYR B 245 38.22 7.27 -12.30
N TRP B 246 37.90 6.23 -13.06
CA TRP B 246 38.93 5.40 -13.68
C TRP B 246 38.46 5.11 -15.09
N GLY B 247 39.28 5.48 -16.07
CA GLY B 247 38.86 5.30 -17.45
C GLY B 247 38.67 3.83 -17.76
N TYR B 248 37.62 3.53 -18.53
CA TYR B 248 37.34 2.12 -18.85
C TYR B 248 38.46 1.51 -19.67
N ARG B 249 38.96 2.24 -20.67
CA ARG B 249 39.89 1.65 -21.62
C ARG B 249 41.16 1.15 -20.94
N HIS B 250 41.69 1.92 -20.01
CA HIS B 250 42.98 1.54 -19.48
C HIS B 250 42.87 0.51 -18.38
N GLY B 251 41.66 -0.01 -18.14
CA GLY B 251 41.47 -1.04 -17.12
C GLY B 251 42.15 -0.66 -15.82
N GLY B 252 42.17 0.63 -15.51
CA GLY B 252 42.98 1.17 -14.44
C GLY B 252 42.43 1.02 -13.03
N ARG B 253 41.14 0.70 -12.89
CA ARG B 253 40.54 0.73 -11.55
C ARG B 253 41.15 -0.32 -10.64
N LYS B 254 41.47 -1.51 -11.17
CA LYS B 254 42.10 -2.54 -10.35
C LYS B 254 43.48 -2.13 -9.86
N THR B 255 44.17 -1.23 -10.56
CA THR B 255 45.46 -0.75 -10.09
C THR B 255 45.36 0.71 -9.67
N ASN B 256 44.15 1.22 -9.51
CA ASN B 256 43.86 2.54 -9.00
C ASN B 256 44.47 3.66 -9.84
N LYS B 257 44.60 3.45 -11.15
CA LYS B 257 45.10 4.49 -12.06
C LYS B 257 43.92 5.40 -12.41
N GLY B 258 43.66 6.37 -11.54
CA GLY B 258 42.44 7.15 -11.67
C GLY B 258 42.59 8.65 -11.64
N TRP B 259 41.46 9.35 -11.65
CA TRP B 259 41.42 10.80 -11.51
C TRP B 259 40.39 11.14 -10.45
N ARG B 260 40.54 12.30 -9.84
CA ARG B 260 39.49 12.88 -9.01
C ARG B 260 38.82 13.97 -9.82
N LEU B 261 37.58 13.71 -10.24
CA LEU B 261 36.80 14.65 -11.02
C LEU B 261 35.57 15.14 -10.30
N ASP B 262 35.24 14.55 -9.15
CA ASP B 262 33.96 14.75 -8.48
C ASP B 262 34.17 15.38 -7.11
N TYR B 263 33.43 16.44 -6.82
CA TYR B 263 33.76 17.30 -5.70
C TYR B 263 32.52 17.66 -4.89
N PHE B 264 32.79 18.10 -3.66
CA PHE B 264 31.89 18.92 -2.86
C PHE B 264 32.68 20.21 -2.59
N LEU B 265 32.29 21.31 -3.22
CA LEU B 265 32.87 22.61 -2.93
C LEU B 265 31.83 23.42 -2.17
N VAL B 266 32.21 23.99 -1.02
CA VAL B 266 31.23 24.68 -0.18
C VAL B 266 31.70 26.10 0.10
N SER B 267 30.73 26.98 0.33
CA SER B 267 31.00 28.36 0.70
C SER B 267 31.91 28.44 1.91
N GLN B 268 32.86 29.38 1.86
CA GLN B 268 33.80 29.58 2.95
C GLN B 268 33.08 29.67 4.29
N SER B 269 31.91 30.31 4.30
CA SER B 269 31.22 30.58 5.56
C SER B 269 30.82 29.32 6.29
N ILE B 270 30.66 28.18 5.59
CA ILE B 270 30.24 26.93 6.23
C ILE B 270 31.30 25.84 6.11
N ALA B 271 32.53 26.22 5.79
CA ALA B 271 33.59 25.24 5.57
C ALA B 271 33.89 24.44 6.83
N ALA B 272 33.77 25.06 8.01
CA ALA B 272 34.04 24.39 9.27
C ALA B 272 32.90 23.47 9.72
N ASN B 273 31.75 23.54 9.07
CA ASN B 273 30.66 22.64 9.40
C ASN B 273 30.78 21.30 8.69
N VAL B 274 31.77 21.15 7.83
CA VAL B 274 31.96 19.89 7.11
C VAL B 274 32.48 18.86 8.11
N HIS B 275 31.66 17.85 8.41
CA HIS B 275 32.13 16.76 9.27
C HIS B 275 32.97 15.77 8.49
N ASP B 276 32.50 15.35 7.32
CA ASP B 276 33.18 14.35 6.51
C ASP B 276 32.89 14.62 5.04
N SER B 277 33.96 14.74 4.25
CA SER B 277 33.87 14.72 2.79
C SER B 277 34.62 13.47 2.35
N TYR B 278 33.90 12.51 1.77
CA TYR B 278 34.50 11.20 1.55
C TYR B 278 34.20 10.66 0.15
N ILE B 279 34.88 9.55 -0.14
CA ILE B 279 34.78 8.81 -1.38
C ILE B 279 34.42 7.36 -1.08
N LEU B 280 33.70 6.73 -2.01
CA LEU B 280 33.27 5.33 -1.87
C LEU B 280 33.84 4.53 -3.04
N PRO B 281 35.15 4.32 -3.05
CA PRO B 281 35.77 3.70 -4.24
C PRO B 281 35.40 2.25 -4.43
N ASP B 282 34.72 1.64 -3.47
CA ASP B 282 34.34 0.25 -3.61
C ASP B 282 33.07 0.05 -4.41
N ILE B 283 32.25 1.09 -4.60
CA ILE B 283 30.97 0.91 -5.26
C ILE B 283 31.16 0.94 -6.77
N ASN B 284 30.80 -0.15 -7.43
CA ASN B 284 30.96 -0.29 -8.87
C ASN B 284 29.66 0.01 -9.60
N GLY B 285 29.74 0.01 -10.93
CA GLY B 285 28.61 0.27 -11.80
C GLY B 285 28.78 1.44 -12.74
N SER B 286 29.80 2.26 -12.54
CA SER B 286 30.08 3.39 -13.40
C SER B 286 31.58 3.52 -13.52
N ASP B 287 32.05 4.36 -14.46
CA ASP B 287 33.47 4.67 -14.43
C ASP B 287 33.82 5.74 -13.40
N HIS B 288 32.82 6.36 -12.77
CA HIS B 288 33.00 7.15 -11.56
C HIS B 288 32.44 6.37 -10.39
N CYS B 289 32.97 6.64 -9.20
CA CYS B 289 32.42 6.10 -7.98
C CYS B 289 31.71 7.20 -7.20
N PRO B 290 30.85 6.85 -6.23
CA PRO B 290 30.14 7.90 -5.47
C PRO B 290 31.09 8.62 -4.53
N ILE B 291 30.68 9.84 -4.16
CA ILE B 291 31.30 10.65 -3.11
C ILE B 291 30.22 11.12 -2.16
N GLY B 292 30.62 11.46 -0.92
CA GLY B 292 29.66 11.82 0.11
C GLY B 292 30.05 13.03 0.93
N LEU B 293 29.05 13.65 1.54
CA LEU B 293 29.27 14.80 2.39
C LEU B 293 28.37 14.75 3.62
N ILE B 294 28.96 14.86 4.79
CA ILE B 294 28.19 15.01 6.02
C ILE B 294 28.44 16.42 6.51
N LEU B 295 27.40 17.24 6.47
CA LEU B 295 27.47 18.66 6.78
C LEU B 295 26.66 18.90 8.04
N LYS B 296 27.29 19.50 9.06
CA LYS B 296 26.57 19.88 10.26
C LYS B 296 25.77 21.15 10.00
N LEU B 297 24.56 21.18 10.54
CA LEU B 297 23.65 22.29 10.31
C LEU B 297 23.54 23.19 11.55
N SER C 2 9.82 -23.09 30.23
CA SER C 2 10.05 -22.27 29.04
C SER C 2 9.52 -20.84 29.18
N GLU C 3 10.40 -19.92 29.55
CA GLU C 3 10.08 -18.51 29.74
C GLU C 3 10.99 -17.69 28.84
N PRO C 4 10.69 -17.63 27.54
CA PRO C 4 11.59 -16.97 26.59
C PRO C 4 11.79 -15.49 26.85
N TRP C 5 10.85 -14.83 27.54
CA TRP C 5 11.03 -13.43 27.89
C TRP C 5 12.16 -13.22 28.87
N THR C 6 12.61 -14.27 29.56
CA THR C 6 13.76 -14.15 30.47
C THR C 6 15.09 -14.23 29.75
N VAL C 7 15.08 -14.36 28.42
CA VAL C 7 16.30 -14.34 27.63
C VAL C 7 16.70 -12.90 27.33
N LEU C 8 17.92 -12.52 27.73
CA LEU C 8 18.40 -11.20 27.33
C LEU C 8 18.76 -11.21 25.85
N ALA C 9 17.83 -10.82 24.99
CA ALA C 9 18.07 -10.80 23.54
C ALA C 9 18.24 -9.36 23.10
N HIS C 10 19.46 -8.99 22.72
CA HIS C 10 19.73 -7.64 22.27
C HIS C 10 21.11 -7.54 21.65
N LYS C 11 21.20 -6.94 20.47
CA LYS C 11 22.45 -6.86 19.74
C LYS C 11 23.40 -5.78 20.24
N LYS C 12 22.91 -4.73 20.89
CA LYS C 12 23.74 -3.63 21.38
C LYS C 12 23.42 -3.34 22.84
N PRO C 13 23.65 -4.31 23.72
CA PRO C 13 23.25 -4.15 25.12
C PRO C 13 24.19 -3.28 25.92
N GLN C 14 23.63 -2.64 26.95
CA GLN C 14 24.38 -1.94 27.97
C GLN C 14 24.72 -2.90 29.11
N LYS C 15 25.63 -2.45 29.97
CA LYS C 15 26.31 -3.39 30.87
C LYS C 15 25.34 -4.06 31.83
N ASP C 16 24.50 -3.27 32.51
CA ASP C 16 23.68 -3.83 33.58
C ASP C 16 22.26 -4.14 33.18
N TRP C 17 21.98 -4.28 31.87
CA TRP C 17 20.61 -4.51 31.45
C TRP C 17 20.15 -5.88 31.90
N LYS C 18 18.89 -5.97 32.31
CA LYS C 18 18.27 -7.22 32.72
C LYS C 18 17.04 -7.50 31.86
N ALA C 19 16.75 -8.78 31.69
CA ALA C 19 15.55 -9.20 30.96
C ALA C 19 14.34 -9.07 31.86
N TYR C 20 13.23 -8.60 31.28
CA TYR C 20 12.02 -8.43 32.07
C TYR C 20 11.50 -9.77 32.53
N ASN C 21 11.34 -9.93 33.84
CA ASN C 21 10.73 -11.11 34.44
C ASN C 21 9.55 -10.65 35.28
N PRO C 22 8.31 -10.85 34.81
CA PRO C 22 7.15 -10.38 35.58
C PRO C 22 7.01 -11.03 36.93
N LYS C 23 7.67 -12.17 37.15
CA LYS C 23 7.57 -12.87 38.43
C LYS C 23 8.46 -12.26 39.50
N THR C 24 9.61 -11.69 39.13
CA THR C 24 10.53 -11.12 40.11
C THR C 24 10.56 -9.60 40.13
N MET C 25 9.98 -8.92 39.15
CA MET C 25 10.05 -7.46 39.10
C MET C 25 8.70 -6.78 39.26
N ARG C 26 7.64 -7.54 39.46
CA ARG C 26 6.43 -6.76 39.69
C ARG C 26 6.26 -6.49 41.18
N PRO C 27 5.74 -5.34 41.55
CA PRO C 27 5.49 -5.06 42.96
C PRO C 27 4.37 -5.93 43.48
N PRO C 28 4.28 -6.11 44.79
CA PRO C 28 3.18 -6.90 45.37
C PRO C 28 1.84 -6.22 45.13
N PRO C 29 0.75 -6.97 45.19
CA PRO C 29 -0.57 -6.36 45.00
C PRO C 29 -0.86 -5.29 46.04
N LEU C 30 -1.71 -4.36 45.67
CA LEU C 30 -2.11 -3.30 46.58
C LEU C 30 -2.92 -3.88 47.75
N PRO C 31 -2.90 -3.20 48.90
CA PRO C 31 -3.81 -3.56 50.01
C PRO C 31 -5.25 -3.67 49.55
N GLU C 32 -6.01 -4.52 50.24
CA GLU C 32 -7.36 -4.89 49.79
C GLU C 32 -8.26 -3.67 49.61
N GLY C 33 -8.02 -2.60 50.36
CA GLY C 33 -8.92 -1.47 50.30
C GLY C 33 -8.50 -0.34 49.41
N THR C 34 -7.24 -0.32 48.97
CA THR C 34 -6.71 0.77 48.15
C THR C 34 -7.51 0.97 46.85
N LYS C 35 -8.09 2.17 46.70
CA LYS C 35 -8.85 2.48 45.49
C LYS C 35 -7.94 2.55 44.27
N CYS C 36 -8.28 1.77 43.25
CA CYS C 36 -7.44 1.66 42.07
C CYS C 36 -8.30 1.27 40.88
N VAL C 37 -7.72 1.44 39.70
CA VAL C 37 -8.31 0.96 38.46
C VAL C 37 -7.25 0.12 37.75
N LYS C 38 -7.67 -0.96 37.10
CA LYS C 38 -6.75 -1.87 36.43
C LYS C 38 -7.13 -2.00 34.95
N VAL C 39 -6.16 -1.75 34.07
CA VAL C 39 -6.36 -1.73 32.62
C VAL C 39 -5.44 -2.74 31.97
N MET C 40 -5.99 -3.48 31.01
CA MET C 40 -5.20 -4.33 30.13
C MET C 40 -5.35 -3.85 28.68
N THR C 41 -4.25 -3.88 27.93
CA THR C 41 -4.18 -3.40 26.56
C THR C 41 -3.56 -4.48 25.69
N TRP C 42 -4.13 -4.71 24.51
CA TRP C 42 -3.69 -5.84 23.69
C TRP C 42 -4.01 -5.59 22.22
N ASN C 43 -2.98 -5.65 21.37
CA ASN C 43 -3.12 -5.74 19.92
C ASN C 43 -3.35 -7.21 19.55
N VAL C 44 -4.58 -7.54 19.12
CA VAL C 44 -4.94 -8.95 18.96
C VAL C 44 -4.73 -9.47 17.54
N ASN C 45 -4.30 -8.62 16.61
CA ASN C 45 -4.01 -9.03 15.23
C ASN C 45 -5.18 -9.80 14.59
N GLY C 46 -6.39 -9.28 14.76
CA GLY C 46 -7.58 -9.95 14.27
C GLY C 46 -8.34 -10.64 15.38
N LEU C 47 -9.42 -10.01 15.83
CA LEU C 47 -10.14 -10.52 16.99
C LEU C 47 -10.78 -11.87 16.69
N ARG C 48 -11.30 -12.06 15.48
CA ARG C 48 -11.92 -13.33 15.13
C ARG C 48 -10.93 -14.47 15.23
N GLY C 49 -9.73 -14.27 14.66
CA GLY C 49 -8.70 -15.29 14.74
C GLY C 49 -8.33 -15.60 16.17
N LEU C 50 -8.15 -14.56 16.99
CA LEU C 50 -7.82 -14.76 18.40
C LEU C 50 -8.92 -15.55 19.10
N LEU C 51 -10.18 -15.29 18.76
CA LEU C 51 -11.25 -16.03 19.42
C LEU C 51 -11.23 -17.51 19.01
N LYS C 52 -10.61 -17.85 17.89
CA LYS C 52 -10.47 -19.24 17.46
C LYS C 52 -9.22 -19.90 18.02
N PHE C 53 -8.40 -19.15 18.75
CA PHE C 53 -7.19 -19.68 19.37
C PHE C 53 -7.51 -20.66 20.50
N GLU C 54 -6.77 -21.77 20.52
CA GLU C 54 -7.04 -22.91 21.39
C GLU C 54 -7.13 -22.53 22.86
N SER C 55 -8.22 -22.96 23.51
CA SER C 55 -8.50 -22.74 24.93
C SER C 55 -8.66 -21.26 25.28
N PHE C 56 -9.03 -20.37 24.36
CA PHE C 56 -9.06 -18.95 24.69
C PHE C 56 -10.45 -18.52 25.10
N SER C 57 -10.51 -17.79 26.22
CA SER C 57 -11.73 -17.22 26.77
C SER C 57 -11.41 -15.83 27.28
N ALA C 58 -12.08 -14.82 26.73
CA ALA C 58 -11.92 -13.47 27.24
C ALA C 58 -12.33 -13.40 28.71
N LEU C 59 -13.42 -14.07 29.08
CA LEU C 59 -13.86 -14.06 30.47
C LEU C 59 -12.82 -14.73 31.37
N GLN C 60 -12.19 -15.81 30.89
CA GLN C 60 -11.14 -16.46 31.66
C GLN C 60 -9.96 -15.53 31.87
N LEU C 61 -9.53 -14.84 30.81
CA LEU C 61 -8.43 -13.87 30.92
C LEU C 61 -8.75 -12.76 31.91
N ALA C 62 -10.00 -12.28 31.90
CA ALA C 62 -10.40 -11.22 32.81
C ALA C 62 -10.26 -11.67 34.25
N GLN C 63 -10.65 -12.91 34.55
CA GLN C 63 -10.52 -13.41 35.91
C GLN C 63 -9.08 -13.48 36.37
N ARG C 64 -8.18 -13.94 35.50
CA ARG C 64 -6.79 -14.10 35.93
C ARG C 64 -6.19 -12.76 36.30
N GLU C 65 -6.46 -11.73 35.52
CA GLU C 65 -5.88 -10.41 35.73
C GLU C 65 -6.83 -9.47 36.45
N ASN C 66 -8.13 -9.77 36.46
CA ASN C 66 -9.12 -8.96 37.17
C ASN C 66 -9.06 -7.50 36.77
N PHE C 67 -8.94 -7.23 35.47
CA PHE C 67 -8.94 -5.85 35.04
C PHE C 67 -10.34 -5.26 35.05
N ASP C 68 -10.42 -3.96 35.21
CA ASP C 68 -11.70 -3.29 35.03
C ASP C 68 -11.95 -2.98 33.56
N ILE C 69 -10.89 -2.72 32.81
CA ILE C 69 -10.99 -2.24 31.44
C ILE C 69 -10.03 -3.01 30.55
N LEU C 70 -10.49 -3.34 29.36
CA LEU C 70 -9.71 -4.02 28.35
C LEU C 70 -9.69 -3.12 27.12
N CYS C 71 -8.49 -2.80 26.63
CA CYS C 71 -8.30 -1.96 25.46
C CYS C 71 -7.73 -2.82 24.34
N LEU C 72 -8.44 -2.89 23.21
CA LEU C 72 -7.99 -3.73 22.11
C LEU C 72 -7.56 -2.89 20.91
N GLN C 73 -6.58 -3.39 20.15
CA GLN C 73 -6.27 -2.81 18.85
C GLN C 73 -6.29 -3.90 17.79
N GLU C 74 -6.51 -3.47 16.55
CA GLU C 74 -6.62 -4.37 15.41
C GLU C 74 -7.67 -5.45 15.65
N THR C 75 -8.86 -5.02 16.08
CA THR C 75 -9.97 -5.94 16.09
C THR C 75 -10.23 -6.49 14.69
N LYS C 76 -9.96 -5.68 13.67
CA LYS C 76 -10.24 -5.99 12.27
C LYS C 76 -11.73 -6.24 12.04
N LEU C 77 -12.59 -5.74 12.93
CA LEU C 77 -14.03 -5.91 12.79
C LEU C 77 -14.61 -4.94 11.79
N GLN C 78 -15.72 -5.35 11.19
CA GLN C 78 -16.60 -4.45 10.47
C GLN C 78 -17.66 -3.91 11.40
N VAL C 79 -18.27 -2.79 11.00
CA VAL C 79 -19.33 -2.20 11.81
C VAL C 79 -20.45 -3.22 12.02
N LYS C 80 -20.82 -3.96 10.97
CA LYS C 80 -21.92 -4.92 11.04
C LYS C 80 -21.68 -6.06 12.02
N ASP C 81 -20.43 -6.35 12.40
CA ASP C 81 -20.16 -7.46 13.31
C ASP C 81 -20.27 -7.09 14.78
N VAL C 82 -20.34 -5.79 15.11
CA VAL C 82 -20.13 -5.36 16.49
C VAL C 82 -21.22 -5.92 17.41
N GLU C 83 -22.50 -5.81 17.01
CA GLU C 83 -23.59 -6.29 17.87
C GLU C 83 -23.35 -7.72 18.32
N GLU C 84 -22.94 -8.60 17.40
CA GLU C 84 -22.74 -10.00 17.74
C GLU C 84 -21.55 -10.18 18.68
N ILE C 85 -20.41 -9.55 18.39
CA ILE C 85 -19.23 -9.75 19.22
C ILE C 85 -19.49 -9.26 20.64
N LYS C 86 -20.23 -8.17 20.79
CA LYS C 86 -20.45 -7.59 22.12
C LYS C 86 -21.10 -8.60 23.06
N LYS C 87 -22.02 -9.40 22.57
CA LYS C 87 -22.72 -10.37 23.41
C LYS C 87 -21.93 -11.66 23.64
N THR C 88 -20.99 -11.99 22.76
CA THR C 88 -20.21 -13.23 22.86
C THR C 88 -18.82 -13.01 23.41
N LEU C 89 -18.49 -11.81 23.89
CA LEU C 89 -17.12 -11.59 24.34
C LEU C 89 -17.00 -11.86 25.83
N ILE C 90 -17.01 -10.82 26.65
CA ILE C 90 -16.85 -10.98 28.10
C ILE C 90 -18.19 -10.75 28.77
N ASP C 91 -18.57 -11.67 29.66
CA ASP C 91 -19.71 -11.47 30.52
C ASP C 91 -19.28 -10.58 31.68
N GLY C 92 -20.16 -9.68 32.11
CA GLY C 92 -19.83 -8.83 33.23
C GLY C 92 -19.28 -7.47 32.84
N TYR C 93 -18.92 -7.30 31.58
CA TYR C 93 -18.36 -6.05 31.08
C TYR C 93 -19.40 -5.55 30.07
N ASP C 94 -20.34 -4.77 30.57
CA ASP C 94 -21.47 -4.38 29.75
C ASP C 94 -21.19 -3.14 28.92
N HIS C 95 -20.18 -2.38 29.26
CA HIS C 95 -19.92 -1.12 28.59
C HIS C 95 -18.75 -1.39 27.67
N SER C 96 -19.06 -1.51 26.38
CA SER C 96 -18.03 -1.80 25.39
C SER C 96 -18.28 -0.88 24.20
N PHE C 97 -17.18 -0.40 23.64
CA PHE C 97 -17.21 0.70 22.68
C PHE C 97 -16.21 0.39 21.58
N TRP C 98 -16.68 0.44 20.35
CA TRP C 98 -15.96 -0.11 19.21
C TRP C 98 -15.88 0.95 18.11
N SER C 99 -14.72 1.03 17.50
CA SER C 99 -14.46 1.92 16.38
C SER C 99 -13.85 1.08 15.28
N CYS C 100 -14.52 1.00 14.12
CA CYS C 100 -14.11 0.11 13.04
C CYS C 100 -13.63 0.92 11.84
N SER C 101 -12.71 0.33 11.08
CA SER C 101 -12.35 0.94 9.82
C SER C 101 -13.52 0.81 8.85
N VAL C 102 -13.92 1.93 8.26
CA VAL C 102 -15.02 1.96 7.31
C VAL C 102 -14.55 2.24 5.89
N SER C 103 -13.31 2.74 5.72
CA SER C 103 -12.71 2.91 4.40
C SER C 103 -12.06 1.61 3.92
N LYS C 104 -11.25 0.97 4.77
CA LYS C 104 -10.72 -0.36 4.49
C LYS C 104 -11.46 -1.37 5.38
N LEU C 105 -12.06 -2.38 4.79
CA LEU C 105 -12.86 -3.32 5.56
C LEU C 105 -11.99 -4.48 6.05
N GLY C 106 -12.25 -4.92 7.28
CA GLY C 106 -11.49 -5.96 7.94
C GLY C 106 -10.07 -5.53 8.29
N TYR C 107 -9.91 -4.31 8.75
CA TYR C 107 -8.61 -3.65 8.84
C TYR C 107 -8.61 -2.78 10.08
N SER C 108 -7.48 -2.75 10.79
CA SER C 108 -7.33 -1.86 11.95
C SER C 108 -8.44 -2.08 12.96
N GLY C 109 -8.95 -1.02 13.58
CA GLY C 109 -10.04 -1.20 14.52
C GLY C 109 -9.65 -1.27 15.99
N THR C 110 -10.36 -0.54 16.84
CA THR C 110 -10.06 -0.48 18.26
C THR C 110 -11.33 -0.73 19.06
N ALA C 111 -11.15 -0.98 20.35
CA ALA C 111 -12.26 -1.22 21.26
C ALA C 111 -11.82 -0.99 22.70
N ILE C 112 -12.76 -0.54 23.53
CA ILE C 112 -12.59 -0.45 24.98
C ILE C 112 -13.73 -1.21 25.64
N ILE C 113 -13.40 -2.19 26.48
CA ILE C 113 -14.38 -3.03 27.15
C ILE C 113 -14.27 -2.83 28.66
N SER C 114 -15.39 -2.46 29.29
CA SER C 114 -15.31 -1.96 30.66
C SER C 114 -16.48 -2.46 31.51
N ARG C 115 -16.16 -2.82 32.76
CA ARG C 115 -17.18 -3.03 33.77
C ARG C 115 -17.43 -1.78 34.57
N ILE C 116 -16.76 -0.69 34.24
CA ILE C 116 -17.04 0.64 34.77
C ILE C 116 -17.71 1.46 33.68
N LYS C 117 -18.81 2.09 34.02
CA LYS C 117 -19.53 2.91 33.07
C LYS C 117 -18.79 4.23 32.87
N PRO C 118 -18.35 4.55 31.66
CA PRO C 118 -17.70 5.84 31.44
C PRO C 118 -18.71 6.97 31.52
N LEU C 119 -18.23 8.16 31.88
CA LEU C 119 -19.10 9.33 31.84
C LEU C 119 -19.43 9.71 30.40
N SER C 120 -18.51 9.46 29.48
CA SER C 120 -18.73 9.77 28.08
C SER C 120 -17.69 9.02 27.28
N VAL C 121 -18.00 8.79 26.00
CA VAL C 121 -17.10 8.09 25.09
C VAL C 121 -17.09 8.82 23.76
N ARG C 122 -15.91 9.12 23.26
CA ARG C 122 -15.78 9.79 21.96
C ARG C 122 -14.83 9.02 21.06
N TYR C 123 -15.05 9.16 19.75
CA TYR C 123 -14.30 8.43 18.74
C TYR C 123 -13.53 9.45 17.91
N GLY C 124 -12.35 9.05 17.47
CA GLY C 124 -11.50 9.88 16.64
C GLY C 124 -10.97 11.11 17.36
N THR C 125 -10.38 12.00 16.57
CA THR C 125 -9.87 13.27 17.07
C THR C 125 -10.76 14.40 16.56
N GLY C 126 -10.56 15.58 17.14
CA GLY C 126 -11.41 16.68 16.69
C GLY C 126 -12.88 16.39 16.91
N LEU C 127 -13.71 16.95 16.04
CA LEU C 127 -15.16 16.88 16.21
C LEU C 127 -15.85 16.23 15.03
N SER C 128 -15.14 15.48 14.20
CA SER C 128 -15.77 14.77 13.09
C SER C 128 -16.10 13.31 13.43
N GLY C 129 -16.49 13.02 14.67
CA GLY C 129 -16.88 11.65 14.99
C GLY C 129 -15.71 10.69 14.83
N HIS C 130 -16.01 9.51 14.29
CA HIS C 130 -15.04 8.42 14.25
C HIS C 130 -13.84 8.72 13.35
N ASP C 131 -12.72 8.08 13.68
CA ASP C 131 -11.62 7.97 12.74
C ASP C 131 -12.00 7.01 11.62
N THR C 132 -11.67 7.38 10.40
CA THR C 132 -12.07 6.56 9.27
C THR C 132 -11.46 5.17 9.31
N GLU C 133 -10.34 4.97 10.00
CA GLU C 133 -9.72 3.66 10.12
C GLU C 133 -9.94 3.06 11.52
N GLY C 134 -10.84 3.62 12.32
CA GLY C 134 -11.16 3.08 13.62
C GLY C 134 -9.97 3.06 14.57
N ARG C 135 -9.18 4.13 14.61
CA ARG C 135 -7.89 4.04 15.27
C ARG C 135 -7.85 4.59 16.69
N ILE C 136 -8.93 5.21 17.19
CA ILE C 136 -8.81 5.84 18.51
C ILE C 136 -10.17 5.87 19.19
N VAL C 137 -10.21 5.47 20.46
CA VAL C 137 -11.41 5.56 21.30
C VAL C 137 -11.06 6.26 22.60
N THR C 138 -11.84 7.28 22.95
CA THR C 138 -11.62 8.10 24.15
C THR C 138 -12.77 7.89 25.12
N ALA C 139 -12.47 7.31 26.28
CA ALA C 139 -13.44 7.08 27.33
C ALA C 139 -13.13 7.94 28.55
N GLU C 140 -14.13 8.71 29.00
CA GLU C 140 -14.00 9.54 30.19
C GLU C 140 -14.48 8.78 31.42
N PHE C 141 -13.65 8.76 32.45
CA PHE C 141 -14.02 8.21 33.74
C PHE C 141 -14.08 9.33 34.78
N ASP C 142 -14.22 8.95 36.04
N ASP C 142 -14.23 8.95 36.04
CA ASP C 142 -14.40 9.94 37.10
CA ASP C 142 -14.39 9.94 37.10
C ASP C 142 -13.20 10.90 37.17
C ASP C 142 -13.20 10.90 37.15
N SER C 143 -11.99 10.35 37.33
CA SER C 143 -10.81 11.19 37.55
C SER C 143 -9.86 11.27 36.37
N PHE C 144 -10.12 10.57 35.26
CA PHE C 144 -9.14 10.56 34.18
C PHE C 144 -9.85 10.17 32.89
N TYR C 145 -9.20 10.47 31.78
CA TYR C 145 -9.57 10.01 30.46
C TYR C 145 -8.67 8.85 30.07
N LEU C 146 -9.25 7.85 29.43
CA LEU C 146 -8.51 6.71 28.89
C LEU C 146 -8.61 6.76 27.38
N ILE C 147 -7.46 6.91 26.72
CA ILE C 147 -7.40 6.97 25.26
C ILE C 147 -6.73 5.68 24.77
N ASN C 148 -7.47 4.92 23.97
CA ASN C 148 -6.95 3.70 23.36
C ASN C 148 -6.74 3.97 21.88
N THR C 149 -5.52 3.75 21.38
CA THR C 149 -5.25 4.10 20.00
C THR C 149 -4.44 3.03 19.30
N TYR C 150 -4.68 2.89 17.99
CA TYR C 150 -3.84 2.07 17.12
C TYR C 150 -3.16 3.00 16.13
N VAL C 151 -1.87 3.26 16.37
CA VAL C 151 -1.16 4.29 15.59
C VAL C 151 -0.87 3.77 14.19
N PRO C 152 -1.07 4.56 13.14
CA PRO C 152 -0.80 4.08 11.78
C PRO C 152 0.66 3.68 11.60
N ASN C 153 0.86 2.48 11.05
CA ASN C 153 2.18 2.02 10.66
C ASN C 153 2.75 2.88 9.53
N SER C 154 4.01 3.30 9.66
CA SER C 154 4.61 4.10 8.59
C SER C 154 4.78 3.31 7.29
N GLY C 155 4.68 1.99 7.34
CA GLY C 155 4.66 1.12 6.19
C GLY C 155 6.00 0.46 5.88
N ASP C 156 5.92 -0.60 5.08
CA ASP C 156 7.10 -1.35 4.69
C ASP C 156 8.06 -0.49 3.87
N GLY C 157 7.54 0.36 3.01
CA GLY C 157 8.41 1.20 2.19
C GLY C 157 8.41 2.63 2.67
N LEU C 158 7.95 2.83 3.91
CA LEU C 158 7.86 4.14 4.55
C LEU C 158 6.98 5.11 3.76
N LYS C 159 6.07 4.60 2.94
CA LYS C 159 5.26 5.51 2.13
C LYS C 159 4.34 6.38 2.98
N ARG C 160 4.07 6.00 4.23
CA ARG C 160 3.17 6.77 5.08
C ARG C 160 3.93 7.51 6.17
N LEU C 161 5.27 7.53 6.10
CA LEU C 161 6.07 8.17 7.13
C LEU C 161 5.75 9.65 7.25
N SER C 162 5.59 10.31 6.11
CA SER C 162 5.30 11.74 6.13
C SER C 162 3.98 12.03 6.84
N TYR C 163 2.92 11.32 6.45
CA TYR C 163 1.63 11.47 7.13
C TYR C 163 1.75 11.14 8.60
N ARG C 164 2.50 10.09 8.93
CA ARG C 164 2.62 9.63 10.32
C ARG C 164 3.19 10.73 11.20
N ILE C 165 4.33 11.30 10.78
CA ILE C 165 5.07 12.30 11.55
C ILE C 165 4.35 13.65 11.51
N GLU C 166 3.95 14.09 10.33
CA GLU C 166 3.48 15.47 10.16
C GLU C 166 1.98 15.64 10.42
N GLU C 167 1.17 14.60 10.23
CA GLU C 167 -0.25 14.74 10.52
C GLU C 167 -0.66 13.91 11.73
N TRP C 168 -0.55 12.57 11.66
CA TRP C 168 -1.06 11.73 12.75
C TRP C 168 -0.42 12.12 14.08
N ASP C 169 0.91 12.13 14.14
CA ASP C 169 1.60 12.33 15.41
C ASP C 169 1.18 13.64 16.08
N ARG C 170 1.12 14.73 15.30
CA ARG C 170 0.74 16.02 15.85
C ARG C 170 -0.72 16.01 16.27
N THR C 171 -1.58 15.30 15.52
CA THR C 171 -3.00 15.24 15.85
C THR C 171 -3.28 14.45 17.12
N LEU C 172 -2.62 13.31 17.31
CA LEU C 172 -2.78 12.58 18.57
C LEU C 172 -2.27 13.42 19.73
N SER C 173 -1.15 14.10 19.51
CA SER C 173 -0.56 14.95 20.55
C SER C 173 -1.52 16.04 21.02
N ASN C 174 -2.13 16.75 20.07
CA ASN C 174 -3.06 17.80 20.47
C ASN C 174 -4.30 17.23 21.14
N HIS C 175 -4.73 16.05 20.72
CA HIS C 175 -5.92 15.44 21.30
C HIS C 175 -5.70 15.13 22.79
N ILE C 176 -4.58 14.52 23.11
CA ILE C 176 -4.36 14.12 24.49
C ILE C 176 -4.00 15.31 25.36
N LYS C 177 -3.23 16.25 24.81
CA LYS C 177 -2.80 17.39 25.62
C LYS C 177 -3.98 18.31 25.93
N GLU C 178 -4.87 18.51 24.95
CA GLU C 178 -6.05 19.32 25.19
C GLU C 178 -6.92 18.73 26.28
N LEU C 179 -7.13 17.40 26.25
CA LEU C 179 -8.01 16.75 27.23
C LEU C 179 -7.51 16.95 28.66
N GLU C 180 -6.20 17.08 28.84
CA GLU C 180 -5.66 17.37 30.17
C GLU C 180 -6.27 18.62 30.79
N LYS C 181 -6.76 19.55 29.97
CA LYS C 181 -7.32 20.77 30.54
C LYS C 181 -8.49 20.52 31.46
N SER C 182 -9.13 19.35 31.37
CA SER C 182 -10.15 19.00 32.34
C SER C 182 -9.78 17.82 33.24
N LYS C 183 -9.09 16.79 32.74
CA LYS C 183 -8.71 15.63 33.54
C LYS C 183 -7.40 15.02 33.05
N PRO C 184 -6.63 14.37 33.93
CA PRO C 184 -5.42 13.65 33.47
C PRO C 184 -5.72 12.51 32.50
N VAL C 185 -4.71 12.18 31.69
CA VAL C 185 -4.86 11.28 30.56
C VAL C 185 -4.02 10.04 30.75
N VAL C 186 -4.60 8.88 30.46
CA VAL C 186 -3.87 7.64 30.21
C VAL C 186 -4.02 7.31 28.74
N LEU C 187 -2.92 7.38 28.00
CA LEU C 187 -2.86 7.00 26.60
C LEU C 187 -2.30 5.60 26.52
N THR C 188 -2.98 4.71 25.80
CA THR C 188 -2.48 3.34 25.69
C THR C 188 -2.75 2.78 24.31
N GLY C 189 -2.01 1.71 23.97
CA GLY C 189 -2.25 1.00 22.74
C GLY C 189 -0.95 0.74 21.99
N ASP C 190 -1.09 0.39 20.73
CA ASP C 190 0.04 0.14 19.86
C ASP C 190 0.42 1.48 19.26
N LEU C 191 1.50 2.06 19.77
CA LEU C 191 1.96 3.37 19.32
C LEU C 191 2.88 3.27 18.12
N ASN C 192 3.19 2.05 17.68
CA ASN C 192 3.97 1.79 16.47
C ASN C 192 5.27 2.58 16.45
N CYS C 193 5.96 2.53 17.59
CA CYS C 193 7.29 3.11 17.72
C CYS C 193 7.99 2.48 18.92
N ALA C 194 9.19 1.94 18.70
CA ALA C 194 10.09 1.56 19.78
C ALA C 194 10.97 2.77 20.09
N HIS C 195 10.74 3.41 21.23
CA HIS C 195 11.29 4.74 21.47
C HIS C 195 12.82 4.73 21.47
N GLU C 196 13.44 3.87 22.27
CA GLU C 196 14.90 3.87 22.32
C GLU C 196 15.45 2.50 21.96
N GLU C 197 16.79 2.45 21.85
CA GLU C 197 17.48 1.23 21.47
C GLU C 197 17.16 0.08 22.41
N ILE C 198 16.87 0.37 23.68
CA ILE C 198 16.55 -0.68 24.62
C ILE C 198 15.22 -1.33 24.28
N ASP C 199 14.40 -0.68 23.44
CA ASP C 199 13.08 -1.16 23.10
C ASP C 199 13.06 -2.02 21.84
N ILE C 200 14.21 -2.37 21.28
CA ILE C 200 14.25 -3.16 20.06
C ILE C 200 15.50 -4.04 20.08
N PHE C 201 15.33 -5.32 19.73
CA PHE C 201 16.41 -6.27 19.88
C PHE C 201 17.57 -5.99 18.93
N ASN C 202 17.30 -5.44 17.74
CA ASN C 202 18.33 -5.18 16.75
C ASN C 202 18.16 -3.75 16.25
N PRO C 203 18.61 -2.76 17.03
CA PRO C 203 18.49 -1.38 16.56
C PRO C 203 19.30 -1.09 15.32
N ALA C 204 20.55 -1.57 15.25
CA ALA C 204 21.44 -1.18 14.16
C ALA C 204 20.90 -1.63 12.82
N GLY C 205 20.35 -2.82 12.75
CA GLY C 205 19.74 -3.35 11.54
C GLY C 205 18.38 -2.82 11.17
N ASN C 206 17.79 -1.93 11.97
CA ASN C 206 16.42 -1.47 11.76
C ASN C 206 16.34 0.04 11.75
N LYS C 207 17.45 0.70 11.41
CA LYS C 207 17.48 2.16 11.40
C LYS C 207 16.42 2.76 10.48
N ARG C 208 16.09 2.09 9.38
CA ARG C 208 15.07 2.60 8.46
C ARG C 208 13.80 1.73 8.41
N SER C 209 13.54 0.95 9.45
CA SER C 209 12.31 0.18 9.51
C SER C 209 11.23 1.03 10.16
N ALA C 210 10.00 0.89 9.69
CA ALA C 210 8.87 1.55 10.32
C ALA C 210 8.86 1.24 11.81
N GLY C 211 8.71 2.27 12.62
CA GLY C 211 8.66 2.10 14.05
C GLY C 211 9.97 2.36 14.77
N PHE C 212 11.10 2.36 14.04
CA PHE C 212 12.39 2.66 14.67
C PHE C 212 13.19 3.69 13.88
N THR C 213 12.56 4.43 12.97
CA THR C 213 13.25 5.50 12.30
C THR C 213 13.55 6.63 13.27
N ILE C 214 14.64 7.36 13.01
CA ILE C 214 14.97 8.49 13.86
C ILE C 214 13.83 9.50 13.86
N GLU C 215 13.14 9.65 12.72
CA GLU C 215 12.01 10.57 12.64
C GLU C 215 10.89 10.18 13.61
N GLU C 216 10.53 8.89 13.63
CA GLU C 216 9.44 8.44 14.50
C GLU C 216 9.81 8.57 15.97
N ARG C 217 11.05 8.21 16.31
CA ARG C 217 11.47 8.24 17.71
C ARG C 217 11.58 9.68 18.21
N GLN C 218 12.09 10.59 17.38
CA GLN C 218 12.16 11.97 17.79
C GLN C 218 10.76 12.55 17.94
N SER C 219 9.84 12.13 17.08
CA SER C 219 8.46 12.58 17.19
C SER C 219 7.82 12.06 18.47
N PHE C 220 8.01 10.78 18.78
CA PHE C 220 7.55 10.20 20.04
C PHE C 220 8.01 11.04 21.23
N GLY C 221 9.29 11.40 21.25
CA GLY C 221 9.80 12.22 22.33
C GLY C 221 9.16 13.60 22.37
N ALA C 222 9.04 14.25 21.22
CA ALA C 222 8.63 15.65 21.19
C ALA C 222 7.13 15.84 21.28
N ASN C 223 6.33 14.93 20.71
CA ASN C 223 4.90 15.15 20.66
C ASN C 223 4.15 14.46 21.79
N LEU C 224 4.77 13.47 22.43
CA LEU C 224 4.17 12.77 23.56
C LEU C 224 4.96 13.05 24.84
N LEU C 225 6.19 12.54 24.95
CA LEU C 225 6.94 12.67 26.20
C LEU C 225 7.20 14.12 26.56
N ASP C 226 7.70 14.92 25.60
CA ASP C 226 7.99 16.30 25.92
C ASP C 226 6.75 17.14 26.16
N LYS C 227 5.54 16.60 25.97
CA LYS C 227 4.32 17.31 26.29
C LYS C 227 3.77 16.91 27.66
N GLY C 228 4.61 16.33 28.51
CA GLY C 228 4.21 16.04 29.88
C GLY C 228 3.65 14.66 30.12
N PHE C 229 4.06 13.66 29.33
CA PHE C 229 3.60 12.30 29.55
C PHE C 229 4.78 11.39 29.86
N VAL C 230 4.52 10.38 30.68
CA VAL C 230 5.55 9.51 31.22
C VAL C 230 5.33 8.11 30.67
N ASP C 231 6.38 7.53 30.10
CA ASP C 231 6.38 6.13 29.69
C ASP C 231 6.43 5.28 30.95
N THR C 232 5.28 4.79 31.41
CA THR C 232 5.22 4.19 32.74
C THR C 232 6.09 2.96 32.86
N PHE C 233 6.13 2.10 31.84
CA PHE C 233 6.95 0.90 31.97
C PHE C 233 8.44 1.24 32.07
N ARG C 234 8.90 2.19 31.25
CA ARG C 234 10.31 2.55 31.29
C ARG C 234 10.64 3.26 32.60
N LYS C 235 9.76 4.15 33.07
CA LYS C 235 10.03 4.80 34.35
C LYS C 235 10.16 3.76 35.45
N GLN C 236 9.31 2.74 35.40
CA GLN C 236 9.33 1.73 36.45
C GLN C 236 10.54 0.79 36.30
N HIS C 237 11.04 0.58 35.10
CA HIS C 237 12.07 -0.43 34.83
C HIS C 237 13.20 0.11 33.96
N PRO C 238 13.98 1.07 34.43
CA PRO C 238 15.13 1.53 33.62
C PRO C 238 16.13 0.40 33.43
N GLY C 239 16.66 0.28 32.21
CA GLY C 239 17.62 -0.77 31.95
C GLY C 239 17.05 -2.17 31.95
N VAL C 240 15.75 -2.32 31.76
CA VAL C 240 15.10 -3.62 31.67
C VAL C 240 14.64 -3.79 30.23
N VAL C 241 15.08 -4.88 29.61
CA VAL C 241 14.69 -5.19 28.24
C VAL C 241 13.38 -5.98 28.30
N GLY C 242 12.30 -5.37 27.79
CA GLY C 242 10.99 -6.00 27.72
C GLY C 242 10.31 -5.72 26.41
N TYR C 243 9.83 -6.77 25.75
CA TYR C 243 9.20 -6.60 24.46
C TYR C 243 7.71 -6.92 24.57
N THR C 244 6.94 -6.37 23.64
CA THR C 244 5.51 -6.65 23.57
C THR C 244 5.11 -7.21 22.22
N TYR C 245 6.05 -7.31 21.28
CA TYR C 245 5.77 -7.76 19.93
C TYR C 245 6.96 -8.53 19.38
N TRP C 246 6.68 -9.60 18.66
CA TRP C 246 7.69 -10.36 17.94
C TRP C 246 7.09 -10.78 16.60
N GLY C 247 7.80 -10.45 15.52
CA GLY C 247 7.30 -10.78 14.21
C GLY C 247 7.19 -12.28 14.04
N TYR C 248 6.07 -12.70 13.43
CA TYR C 248 5.80 -14.13 13.25
C TYR C 248 6.81 -14.77 12.31
N ARG C 249 7.17 -14.06 11.24
CA ARG C 249 7.88 -14.68 10.12
C ARG C 249 9.20 -15.30 10.53
N HIS C 250 10.01 -14.56 11.28
CA HIS C 250 11.34 -15.06 11.63
C HIS C 250 11.37 -15.81 12.95
N GLY C 251 10.20 -16.09 13.51
CA GLY C 251 10.10 -16.85 14.75
C GLY C 251 10.88 -16.28 15.91
N GLY C 252 10.94 -14.95 16.01
CA GLY C 252 11.78 -14.33 17.02
C GLY C 252 11.23 -14.44 18.42
N ARG C 253 9.94 -14.75 18.59
CA ARG C 253 9.40 -14.83 19.95
C ARG C 253 10.03 -15.97 20.73
N LYS C 254 10.36 -17.06 20.05
CA LYS C 254 10.99 -18.21 20.69
C LYS C 254 12.35 -17.84 21.29
N THR C 255 13.03 -16.85 20.74
CA THR C 255 14.31 -16.37 21.27
C THR C 255 14.22 -14.95 21.82
N ASN C 256 13.00 -14.43 22.00
CA ASN C 256 12.75 -13.10 22.57
C ASN C 256 13.37 -11.97 21.75
N LYS C 257 13.46 -12.14 20.43
CA LYS C 257 13.94 -11.07 19.53
C LYS C 257 12.77 -10.17 19.15
N GLY C 258 12.49 -9.21 20.03
CA GLY C 258 11.25 -8.45 19.90
C GLY C 258 11.38 -6.95 19.89
N TRP C 259 10.22 -6.28 19.95
CA TRP C 259 10.11 -4.82 20.04
C TRP C 259 9.14 -4.51 21.16
N ARG C 260 9.27 -3.33 21.74
CA ARG C 260 8.24 -2.78 22.61
C ARG C 260 7.50 -1.73 21.79
N LEU C 261 6.26 -2.04 21.43
CA LEU C 261 5.45 -1.13 20.65
C LEU C 261 4.23 -0.65 21.41
N ASP C 262 3.97 -1.22 22.58
CA ASP C 262 2.74 -1.04 23.31
C ASP C 262 3.03 -0.36 24.64
N TYR C 263 2.25 0.68 24.96
CA TYR C 263 2.63 1.58 26.03
C TYR C 263 1.44 1.94 26.91
N PHE C 264 1.77 2.40 28.11
CA PHE C 264 0.90 3.19 28.96
C PHE C 264 1.65 4.49 29.21
N LEU C 265 1.17 5.59 28.62
CA LEU C 265 1.69 6.92 28.87
C LEU C 265 0.65 7.70 29.67
N VAL C 266 1.08 8.34 30.75
CA VAL C 266 0.16 9.03 31.64
C VAL C 266 0.63 10.47 31.85
N SER C 267 -0.33 11.35 32.10
CA SER C 267 -0.02 12.74 32.45
C SER C 267 0.94 12.78 33.63
N GLN C 268 1.89 13.72 33.55
CA GLN C 268 2.85 13.89 34.64
C GLN C 268 2.17 14.02 35.99
N SER C 269 0.97 14.63 36.02
CA SER C 269 0.28 14.90 37.28
C SER C 269 -0.11 13.65 38.03
N ILE C 270 -0.26 12.51 37.35
CA ILE C 270 -0.63 11.27 38.03
C ILE C 270 0.44 10.20 37.88
N ALA C 271 1.65 10.60 37.49
CA ALA C 271 2.71 9.62 37.28
C ALA C 271 3.08 8.90 38.57
N ALA C 272 2.92 9.56 39.72
CA ALA C 272 3.22 8.89 40.98
C ALA C 272 2.12 7.93 41.42
N ASN C 273 0.93 8.01 40.83
CA ASN C 273 -0.15 7.10 41.20
C ASN C 273 -0.06 5.74 40.53
N VAL C 274 0.87 5.56 39.60
CA VAL C 274 1.03 4.29 38.90
C VAL C 274 1.68 3.30 39.86
N HIS C 275 0.93 2.26 40.23
CA HIS C 275 1.49 1.22 41.07
C HIS C 275 2.34 0.23 40.26
N ASP C 276 1.82 -0.25 39.12
CA ASP C 276 2.52 -1.27 38.33
C ASP C 276 2.21 -1.10 36.84
N SER C 277 3.25 -0.99 36.03
CA SER C 277 3.14 -1.03 34.57
C SER C 277 3.86 -2.29 34.12
N TYR C 278 3.13 -3.25 33.59
CA TYR C 278 3.69 -4.57 33.41
C TYR C 278 3.36 -5.14 32.04
N ILE C 279 4.01 -6.25 31.73
CA ILE C 279 3.83 -6.99 30.48
C ILE C 279 3.43 -8.41 30.82
N LEU C 280 2.70 -9.04 29.90
CA LEU C 280 2.24 -10.41 30.09
C LEU C 280 2.74 -11.27 28.93
N PRO C 281 4.05 -11.48 28.85
CA PRO C 281 4.62 -12.13 27.65
C PRO C 281 4.26 -13.59 27.54
N ASP C 282 3.60 -14.17 28.54
CA ASP C 282 3.19 -15.57 28.51
C ASP C 282 1.89 -15.76 27.73
N ILE C 283 1.14 -14.69 27.48
CA ILE C 283 -0.18 -14.81 26.86
C ILE C 283 0.00 -14.87 25.35
N ASN C 284 -0.44 -15.98 24.75
CA ASN C 284 -0.30 -16.21 23.32
C ASN C 284 -1.61 -15.88 22.60
N GLY C 285 -1.57 -15.95 21.27
CA GLY C 285 -2.73 -15.69 20.44
C GLY C 285 -2.56 -14.54 19.48
N SER C 286 -1.49 -13.76 19.59
CA SER C 286 -1.23 -12.64 18.69
C SER C 286 0.28 -12.55 18.50
N ASP C 287 0.69 -11.70 17.56
CA ASP C 287 2.12 -11.35 17.48
C ASP C 287 2.51 -10.24 18.46
N HIS C 288 1.54 -9.64 19.16
CA HIS C 288 1.75 -8.85 20.38
C HIS C 288 1.26 -9.63 21.58
N CYS C 289 1.80 -9.30 22.76
CA CYS C 289 1.27 -9.79 24.01
C CYS C 289 0.59 -8.65 24.77
N PRO C 290 -0.25 -8.96 25.75
CA PRO C 290 -0.89 -7.87 26.51
C PRO C 290 0.10 -7.18 27.45
N ILE C 291 -0.26 -5.94 27.82
CA ILE C 291 0.39 -5.17 28.87
C ILE C 291 -0.69 -4.69 29.81
N GLY C 292 -0.29 -4.37 31.04
CA GLY C 292 -1.24 -3.99 32.06
C GLY C 292 -0.79 -2.76 32.83
N LEU C 293 -1.78 -2.10 33.43
CA LEU C 293 -1.57 -0.90 34.24
C LEU C 293 -2.43 -0.98 35.49
N ILE C 294 -1.82 -0.73 36.65
CA ILE C 294 -2.54 -0.62 37.91
C ILE C 294 -2.38 0.81 38.39
N LEU C 295 -3.46 1.58 38.34
CA LEU C 295 -3.40 3.00 38.65
C LEU C 295 -4.17 3.26 39.93
N LYS C 296 -3.50 3.87 40.91
CA LYS C 296 -4.18 4.25 42.15
C LYS C 296 -5.05 5.47 41.91
N LEU C 297 -6.26 5.45 42.48
CA LEU C 297 -7.23 6.53 42.26
C LEU C 297 -7.38 7.42 43.49
N SER D 2 11.33 -34.66 15.19
CA SER D 2 11.73 -33.44 14.49
C SER D 2 11.14 -33.39 13.08
N GLU D 3 10.18 -34.27 12.80
CA GLU D 3 9.49 -34.29 11.51
C GLU D 3 7.98 -34.27 11.75
N PRO D 4 7.44 -33.12 12.13
CA PRO D 4 6.03 -33.08 12.56
C PRO D 4 5.04 -33.49 11.50
N TRP D 5 5.37 -33.42 10.21
CA TRP D 5 4.40 -33.82 9.19
C TRP D 5 4.09 -35.30 9.25
N THR D 6 4.92 -36.12 9.92
CA THR D 6 4.62 -37.53 10.12
C THR D 6 3.67 -37.76 11.29
N VAL D 7 3.28 -36.72 12.00
CA VAL D 7 2.26 -36.81 13.05
C VAL D 7 0.90 -36.64 12.39
N LEU D 8 0.03 -37.64 12.55
CA LEU D 8 -1.35 -37.54 12.09
C LEU D 8 -2.10 -36.56 12.99
N ALA D 9 -2.19 -35.31 12.54
CA ALA D 9 -2.85 -34.23 13.27
C ALA D 9 -4.18 -33.94 12.58
N HIS D 10 -5.29 -34.22 13.28
CA HIS D 10 -6.61 -34.04 12.72
C HIS D 10 -7.67 -34.18 13.80
N LYS D 11 -8.66 -33.28 13.82
CA LYS D 11 -9.65 -33.29 14.88
C LYS D 11 -10.71 -34.38 14.69
N LYS D 12 -10.99 -34.79 13.47
CA LYS D 12 -12.02 -35.80 13.18
C LYS D 12 -11.48 -36.81 12.18
N PRO D 13 -10.43 -37.54 12.53
CA PRO D 13 -9.80 -38.41 11.55
C PRO D 13 -10.60 -39.68 11.32
N GLN D 14 -10.48 -40.21 10.10
CA GLN D 14 -11.02 -41.53 9.80
C GLN D 14 -9.99 -42.60 10.12
N LYS D 15 -10.46 -43.85 10.19
CA LYS D 15 -9.66 -44.93 10.77
C LYS D 15 -8.41 -45.21 9.94
N ASP D 16 -8.55 -45.25 8.62
CA ASP D 16 -7.48 -45.71 7.75
C ASP D 16 -6.57 -44.57 7.28
N TRP D 17 -6.68 -43.38 7.86
CA TRP D 17 -5.88 -42.24 7.42
C TRP D 17 -4.45 -42.38 7.94
N LYS D 18 -3.50 -41.94 7.12
CA LYS D 18 -2.10 -41.90 7.50
C LYS D 18 -1.56 -40.49 7.23
N ALA D 19 -0.54 -40.10 8.00
CA ALA D 19 0.15 -38.85 7.78
C ALA D 19 1.12 -38.98 6.60
N TYR D 20 1.30 -37.87 5.88
CA TYR D 20 2.19 -37.86 4.72
C TYR D 20 3.63 -38.06 5.16
N ASN D 21 4.27 -39.08 4.61
CA ASN D 21 5.71 -39.31 4.80
C ASN D 21 6.34 -39.34 3.43
N PRO D 22 7.08 -38.30 3.05
CA PRO D 22 7.66 -38.28 1.71
C PRO D 22 8.67 -39.39 1.47
N LYS D 23 9.23 -39.96 2.54
CA LYS D 23 10.27 -40.97 2.37
C LYS D 23 9.70 -42.29 1.92
N THR D 24 8.47 -42.63 2.31
CA THR D 24 7.86 -43.87 1.88
C THR D 24 6.82 -43.70 0.80
N MET D 25 6.41 -42.47 0.53
CA MET D 25 5.30 -42.27 -0.39
C MET D 25 5.73 -41.64 -1.70
N ARG D 26 6.99 -41.26 -1.84
CA ARG D 26 7.36 -40.79 -3.16
C ARG D 26 7.91 -41.96 -3.97
N PRO D 27 7.62 -42.01 -5.26
CA PRO D 27 8.15 -43.07 -6.11
C PRO D 27 9.66 -42.91 -6.29
N PRO D 28 10.35 -43.98 -6.70
CA PRO D 28 11.79 -43.86 -6.98
C PRO D 28 12.03 -42.89 -8.13
N PRO D 29 13.23 -42.30 -8.21
CA PRO D 29 13.48 -41.31 -9.27
C PRO D 29 13.20 -41.90 -10.65
N LEU D 30 12.85 -41.02 -11.58
CA LEU D 30 12.58 -41.48 -12.93
C LEU D 30 13.87 -41.99 -13.58
N PRO D 31 13.77 -42.98 -14.46
CA PRO D 31 14.95 -43.41 -15.21
C PRO D 31 15.56 -42.25 -16.00
N GLU D 32 16.89 -42.22 -16.04
CA GLU D 32 17.58 -41.19 -16.79
C GLU D 32 17.21 -41.35 -18.27
N GLY D 33 16.92 -40.24 -18.92
CA GLY D 33 16.44 -40.25 -20.27
C GLY D 33 14.94 -40.21 -20.40
N THR D 34 14.20 -40.51 -19.32
CA THR D 34 12.77 -40.33 -19.36
C THR D 34 12.49 -38.84 -19.56
N LYS D 35 11.80 -38.51 -20.64
CA LYS D 35 11.46 -37.11 -20.91
C LYS D 35 10.46 -36.62 -19.87
N CYS D 36 10.82 -35.55 -19.16
CA CYS D 36 10.01 -35.11 -18.03
C CYS D 36 10.23 -33.63 -17.77
N VAL D 37 9.29 -33.05 -17.03
CA VAL D 37 9.40 -31.69 -16.52
C VAL D 37 9.19 -31.74 -15.01
N LYS D 38 9.94 -30.92 -14.28
CA LYS D 38 9.83 -30.83 -12.84
C LYS D 38 9.49 -29.38 -12.46
N VAL D 39 8.43 -29.21 -11.69
CA VAL D 39 7.92 -27.90 -11.29
C VAL D 39 7.91 -27.78 -9.77
N MET D 40 8.34 -26.64 -9.26
CA MET D 40 8.18 -26.33 -7.86
C MET D 40 7.27 -25.12 -7.72
N THR D 41 6.36 -25.18 -6.74
CA THR D 41 5.39 -24.12 -6.47
C THR D 41 5.43 -23.75 -5.00
N TRP D 42 5.39 -22.44 -4.68
CA TRP D 42 5.59 -22.01 -3.29
C TRP D 42 5.00 -20.63 -3.04
N ASN D 43 4.09 -20.53 -2.08
CA ASN D 43 3.63 -19.24 -1.57
C ASN D 43 4.66 -18.78 -0.56
N VAL D 44 5.42 -17.73 -0.91
CA VAL D 44 6.57 -17.33 -0.11
C VAL D 44 6.27 -16.28 0.95
N ASN D 45 5.03 -15.78 1.01
CA ASN D 45 4.64 -14.80 2.02
C ASN D 45 5.57 -13.59 2.03
N GLY D 46 5.89 -13.09 0.85
CA GLY D 46 6.81 -11.97 0.77
C GLY D 46 8.20 -12.41 0.36
N LEU D 47 8.56 -12.16 -0.91
CA LEU D 47 9.84 -12.62 -1.44
C LEU D 47 11.02 -11.91 -0.78
N ARG D 48 10.89 -10.60 -0.53
CA ARG D 48 11.98 -9.89 0.13
C ARG D 48 12.21 -10.46 1.53
N GLY D 49 11.14 -10.67 2.28
CA GLY D 49 11.29 -11.27 3.60
C GLY D 49 11.91 -12.64 3.55
N LEU D 50 11.48 -13.46 2.58
CA LEU D 50 12.03 -14.80 2.46
C LEU D 50 13.55 -14.78 2.22
N LEU D 51 14.01 -13.83 1.40
CA LEU D 51 15.44 -13.79 1.10
C LEU D 51 16.28 -13.41 2.31
N LYS D 52 15.70 -12.74 3.30
CA LYS D 52 16.37 -12.44 4.57
C LYS D 52 16.17 -13.53 5.62
N PHE D 53 15.38 -14.56 5.33
CA PHE D 53 15.18 -15.66 6.24
C PHE D 53 16.48 -16.41 6.47
N GLU D 54 16.80 -16.68 7.74
CA GLU D 54 18.11 -17.19 8.12
C GLU D 54 18.47 -18.47 7.36
N SER D 55 19.65 -18.43 6.71
CA SER D 55 20.24 -19.56 5.97
C SER D 55 19.42 -20.06 4.78
N PHE D 56 18.85 -19.14 3.98
CA PHE D 56 18.01 -19.54 2.85
C PHE D 56 18.71 -19.37 1.52
N SER D 57 18.65 -20.36 0.63
CA SER D 57 19.26 -20.15 -0.67
C SER D 57 18.30 -20.69 -1.70
N ALA D 58 17.88 -19.78 -2.59
CA ALA D 58 17.21 -20.17 -3.83
C ALA D 58 18.08 -21.15 -4.59
N LEU D 59 19.40 -20.92 -4.61
CA LEU D 59 20.29 -21.79 -5.39
C LEU D 59 20.39 -23.19 -4.77
N GLN D 60 20.55 -23.27 -3.44
CA GLN D 60 20.57 -24.57 -2.78
C GLN D 60 19.25 -25.30 -3.02
N LEU D 61 18.13 -24.55 -2.94
CA LEU D 61 16.82 -25.11 -3.23
C LEU D 61 16.74 -25.66 -4.64
N ALA D 62 17.28 -24.90 -5.61
CA ALA D 62 17.30 -25.39 -6.99
C ALA D 62 18.23 -26.60 -7.12
N GLN D 63 19.43 -26.52 -6.54
CA GLN D 63 20.35 -27.66 -6.61
C GLN D 63 19.80 -28.86 -5.89
N ARG D 64 19.16 -28.66 -4.73
CA ARG D 64 18.64 -29.79 -3.98
C ARG D 64 17.52 -30.48 -4.76
N GLU D 65 16.63 -29.71 -5.37
CA GLU D 65 15.45 -30.27 -6.01
C GLU D 65 15.56 -30.39 -7.51
N ASN D 66 16.43 -29.61 -8.16
CA ASN D 66 16.67 -29.67 -9.60
C ASN D 66 15.40 -29.50 -10.43
N PHE D 67 14.59 -28.51 -10.06
CA PHE D 67 13.39 -28.23 -10.83
C PHE D 67 13.74 -27.47 -12.10
N ASP D 68 12.88 -27.61 -13.12
CA ASP D 68 12.97 -26.80 -14.33
C ASP D 68 12.22 -25.48 -14.20
N ILE D 69 11.13 -25.47 -13.44
CA ILE D 69 10.25 -24.32 -13.34
C ILE D 69 9.89 -24.10 -11.87
N LEU D 70 9.94 -22.85 -11.43
CA LEU D 70 9.60 -22.49 -10.07
C LEU D 70 8.46 -21.48 -10.11
N CYS D 71 7.34 -21.81 -9.46
CA CYS D 71 6.15 -20.95 -9.45
C CYS D 71 5.99 -20.34 -8.06
N LEU D 72 5.94 -19.02 -8.00
CA LEU D 72 5.80 -18.31 -6.74
C LEU D 72 4.46 -17.61 -6.65
N GLN D 73 3.94 -17.56 -5.43
CA GLN D 73 2.79 -16.73 -5.11
C GLN D 73 3.14 -15.85 -3.93
N GLU D 74 2.40 -14.76 -3.82
CA GLU D 74 2.60 -13.76 -2.78
C GLU D 74 4.04 -13.25 -2.76
N THR D 75 4.54 -12.93 -3.94
CA THR D 75 5.82 -12.23 -4.01
C THR D 75 5.73 -10.90 -3.26
N LYS D 76 4.55 -10.29 -3.24
CA LYS D 76 4.29 -8.98 -2.65
C LYS D 76 5.16 -7.89 -3.31
N LEU D 77 5.65 -8.15 -4.51
CA LEU D 77 6.54 -7.20 -5.14
C LEU D 77 5.75 -6.06 -5.76
N GLN D 78 6.37 -4.89 -5.75
CA GLN D 78 5.89 -3.83 -6.60
C GLN D 78 6.57 -3.99 -7.95
N VAL D 79 5.97 -3.39 -8.98
CA VAL D 79 6.52 -3.52 -10.32
C VAL D 79 7.97 -3.04 -10.34
N LYS D 80 8.26 -1.92 -9.68
CA LYS D 80 9.59 -1.33 -9.66
C LYS D 80 10.66 -2.23 -9.04
N ASP D 81 10.27 -3.22 -8.23
CA ASP D 81 11.23 -4.08 -7.55
C ASP D 81 11.73 -5.22 -8.41
N VAL D 82 11.06 -5.51 -9.54
CA VAL D 82 11.30 -6.76 -10.23
C VAL D 82 12.71 -6.79 -10.81
N GLU D 83 13.12 -5.69 -11.45
CA GLU D 83 14.42 -5.64 -12.14
C GLU D 83 15.55 -6.09 -11.23
N GLU D 84 15.58 -5.58 -10.00
CA GLU D 84 16.63 -5.96 -9.06
C GLU D 84 16.49 -7.41 -8.63
N ILE D 85 15.25 -7.81 -8.29
CA ILE D 85 15.03 -9.19 -7.84
C ILE D 85 15.38 -10.16 -8.97
N LYS D 86 15.02 -9.80 -10.20
CA LYS D 86 15.31 -10.65 -11.35
C LYS D 86 16.81 -10.87 -11.51
N LYS D 87 17.57 -9.77 -11.51
CA LYS D 87 18.99 -9.87 -11.82
C LYS D 87 19.70 -10.71 -10.78
N THR D 88 19.15 -10.78 -9.59
CA THR D 88 19.78 -11.55 -8.52
C THR D 88 19.10 -12.91 -8.50
N LEU D 89 18.59 -13.34 -7.36
CA LEU D 89 17.84 -14.61 -7.27
C LEU D 89 18.76 -15.73 -7.72
N ILE D 90 18.28 -16.74 -8.47
CA ILE D 90 19.02 -17.94 -8.85
C ILE D 90 19.65 -17.81 -10.24
N ASP D 91 20.87 -18.30 -10.38
CA ASP D 91 21.41 -18.65 -11.70
C ASP D 91 20.81 -19.88 -12.31
N GLY D 92 20.85 -19.91 -13.64
CA GLY D 92 20.47 -21.08 -14.39
C GLY D 92 19.08 -21.01 -14.95
N TYR D 93 18.31 -20.06 -14.48
CA TYR D 93 16.93 -19.90 -14.87
C TYR D 93 16.81 -18.50 -15.46
N ASP D 94 17.01 -18.42 -16.78
CA ASP D 94 17.12 -17.15 -17.45
C ASP D 94 15.76 -16.55 -17.81
N HIS D 95 14.70 -17.36 -17.82
CA HIS D 95 13.38 -16.91 -18.25
C HIS D 95 12.52 -16.73 -17.01
N SER D 96 12.23 -15.49 -16.65
CA SER D 96 11.41 -15.28 -15.48
C SER D 96 10.38 -14.20 -15.78
N PHE D 97 9.18 -14.38 -15.25
CA PHE D 97 8.04 -13.59 -15.65
C PHE D 97 7.23 -13.25 -14.41
N TRP D 98 6.97 -11.97 -14.21
CA TRP D 98 6.49 -11.45 -12.94
C TRP D 98 5.21 -10.66 -13.18
N SER D 99 4.23 -10.89 -12.33
CA SER D 99 2.96 -10.15 -12.36
C SER D 99 2.72 -9.58 -10.98
N CYS D 100 2.66 -8.25 -10.89
CA CYS D 100 2.55 -7.55 -9.61
C CYS D 100 1.24 -6.80 -9.52
N SER D 101 0.73 -6.70 -8.29
CA SER D 101 -0.45 -5.88 -8.01
C SER D 101 -0.08 -4.41 -8.18
N VAL D 102 -0.91 -3.67 -8.93
CA VAL D 102 -0.55 -2.29 -9.28
C VAL D 102 -1.35 -1.27 -8.48
N SER D 103 -2.55 -1.64 -8.05
CA SER D 103 -3.35 -0.76 -7.22
C SER D 103 -3.01 -0.91 -5.74
N LYS D 104 -3.10 -2.13 -5.21
CA LYS D 104 -2.73 -2.38 -3.82
C LYS D 104 -1.28 -2.82 -3.82
N LEU D 105 -0.44 -2.05 -3.13
CA LEU D 105 1.00 -2.21 -3.19
C LEU D 105 1.50 -3.14 -2.11
N GLY D 106 2.53 -3.90 -2.45
CA GLY D 106 3.11 -4.86 -1.53
C GLY D 106 2.17 -5.99 -1.23
N TYR D 107 1.44 -6.45 -2.23
CA TYR D 107 0.29 -7.31 -2.06
C TYR D 107 0.20 -8.27 -3.23
N SER D 108 -0.19 -9.51 -2.93
CA SER D 108 -0.39 -10.56 -3.92
C SER D 108 0.91 -10.74 -4.71
N GLY D 109 0.83 -10.95 -6.02
CA GLY D 109 2.01 -11.06 -6.86
C GLY D 109 2.39 -12.50 -7.17
N THR D 110 2.67 -12.79 -8.44
CA THR D 110 3.02 -14.14 -8.86
C THR D 110 4.27 -14.10 -9.73
N ALA D 111 4.88 -15.26 -9.91
CA ALA D 111 6.08 -15.32 -10.73
C ALA D 111 6.29 -16.74 -11.21
N ILE D 112 6.85 -16.86 -12.41
CA ILE D 112 7.33 -18.12 -12.94
C ILE D 112 8.78 -17.90 -13.35
N ILE D 113 9.68 -18.70 -12.79
CA ILE D 113 11.10 -18.65 -13.08
C ILE D 113 11.49 -20.00 -13.67
N SER D 114 12.07 -19.99 -14.88
CA SER D 114 12.16 -21.20 -15.69
C SER D 114 13.45 -21.23 -16.49
N ARG D 115 14.06 -22.41 -16.59
CA ARG D 115 15.16 -22.65 -17.51
C ARG D 115 14.69 -23.23 -18.85
N ILE D 116 13.40 -23.38 -19.05
CA ILE D 116 12.85 -23.71 -20.36
C ILE D 116 12.16 -22.46 -20.90
N LYS D 117 12.49 -22.09 -22.13
CA LYS D 117 11.87 -20.92 -22.73
C LYS D 117 10.44 -21.25 -23.15
N PRO D 118 9.43 -20.60 -22.59
CA PRO D 118 8.06 -20.86 -23.03
C PRO D 118 7.82 -20.31 -24.42
N LEU D 119 6.84 -20.89 -25.10
CA LEU D 119 6.42 -20.34 -26.40
C LEU D 119 5.68 -19.02 -26.25
N SER D 120 4.99 -18.82 -25.12
CA SER D 120 4.30 -17.56 -24.86
C SER D 120 4.01 -17.47 -23.37
N VAL D 121 3.83 -16.23 -22.90
CA VAL D 121 3.52 -15.95 -21.51
C VAL D 121 2.47 -14.85 -21.47
N ARG D 122 1.37 -15.09 -20.77
CA ARG D 122 0.30 -14.14 -20.64
C ARG D 122 -0.04 -13.94 -19.17
N TYR D 123 -0.57 -12.75 -18.85
CA TYR D 123 -0.74 -12.34 -17.47
C TYR D 123 -2.19 -12.08 -17.09
N GLY D 124 -3.12 -12.69 -17.78
CA GLY D 124 -4.48 -12.47 -17.38
C GLY D 124 -5.34 -13.68 -17.64
N THR D 125 -6.64 -13.47 -17.63
CA THR D 125 -7.59 -14.52 -17.95
C THR D 125 -8.17 -14.22 -19.33
N THR D 132 -4.82 -6.98 -12.33
CA THR D 132 -4.67 -5.76 -11.53
C THR D 132 -4.02 -6.08 -10.19
N GLU D 133 -4.27 -7.29 -9.69
CA GLU D 133 -3.69 -7.74 -8.43
C GLU D 133 -2.58 -8.76 -8.63
N GLY D 134 -2.11 -8.94 -9.86
CA GLY D 134 -1.00 -9.80 -10.15
C GLY D 134 -1.19 -11.26 -9.78
N ARG D 135 -2.35 -11.83 -10.13
CA ARG D 135 -2.74 -13.12 -9.56
C ARG D 135 -2.52 -14.32 -10.47
N ILE D 136 -2.12 -14.14 -11.73
CA ILE D 136 -2.05 -15.27 -12.66
C ILE D 136 -0.95 -15.05 -13.69
N VAL D 137 -0.18 -16.11 -13.94
CA VAL D 137 0.78 -16.17 -15.04
C VAL D 137 0.53 -17.47 -15.80
N THR D 138 0.38 -17.38 -17.12
CA THR D 138 0.20 -18.54 -17.98
C THR D 138 1.38 -18.63 -18.93
N ALA D 139 2.17 -19.69 -18.83
CA ALA D 139 3.28 -19.95 -19.73
C ALA D 139 2.95 -21.15 -20.60
N GLU D 140 3.03 -20.96 -21.92
CA GLU D 140 2.78 -22.03 -22.88
C GLU D 140 4.08 -22.74 -23.20
N PHE D 141 4.07 -24.07 -23.05
CA PHE D 141 5.22 -24.87 -23.42
C PHE D 141 4.83 -25.74 -24.60
N ASP D 142 5.71 -26.66 -24.97
CA ASP D 142 5.47 -27.45 -26.17
C ASP D 142 4.10 -28.12 -26.13
N SER D 143 3.90 -29.03 -25.18
CA SER D 143 2.72 -29.89 -25.11
C SER D 143 1.67 -29.45 -24.09
N PHE D 144 1.91 -28.38 -23.32
CA PHE D 144 0.97 -28.04 -22.26
C PHE D 144 1.09 -26.58 -21.86
N TYR D 145 0.05 -26.07 -21.21
CA TYR D 145 0.07 -24.78 -20.53
C TYR D 145 0.29 -24.98 -19.03
N LEU D 146 1.09 -24.10 -18.44
CA LEU D 146 1.29 -24.08 -16.99
C LEU D 146 0.72 -22.77 -16.45
N ILE D 147 -0.29 -22.87 -15.59
CA ILE D 147 -0.93 -21.69 -14.99
C ILE D 147 -0.48 -21.61 -13.54
N ASN D 148 0.12 -20.50 -13.16
CA ASN D 148 0.49 -20.23 -11.78
C ASN D 148 -0.47 -19.17 -11.23
N THR D 149 -1.19 -19.51 -10.17
CA THR D 149 -2.22 -18.59 -9.70
C THR D 149 -2.16 -18.44 -8.18
N TYR D 150 -2.51 -17.24 -7.74
CA TYR D 150 -2.72 -16.93 -6.34
C TYR D 150 -4.20 -16.56 -6.24
N VAL D 151 -5.00 -17.49 -5.75
CA VAL D 151 -6.46 -17.29 -5.71
C VAL D 151 -6.81 -16.30 -4.61
N PRO D 152 -7.75 -15.38 -4.85
CA PRO D 152 -8.13 -14.41 -3.81
C PRO D 152 -8.65 -15.08 -2.55
N ASN D 153 -8.06 -14.67 -1.41
CA ASN D 153 -8.56 -15.05 -0.10
C ASN D 153 -9.93 -14.40 0.14
N SER D 154 -10.90 -15.20 0.60
CA SER D 154 -12.24 -14.66 0.87
C SER D 154 -12.28 -13.71 2.06
N GLY D 155 -11.25 -13.68 2.91
CA GLY D 155 -11.13 -12.67 3.93
C GLY D 155 -11.68 -13.11 5.29
N ASP D 156 -11.21 -12.41 6.34
CA ASP D 156 -11.54 -12.80 7.71
C ASP D 156 -13.04 -12.73 7.99
N GLY D 157 -13.77 -11.84 7.31
CA GLY D 157 -15.20 -11.73 7.49
C GLY D 157 -15.92 -12.17 6.23
N LEU D 158 -15.21 -12.93 5.39
CA LEU D 158 -15.74 -13.43 4.11
C LEU D 158 -16.16 -12.30 3.18
N LYS D 159 -15.53 -11.13 3.31
CA LYS D 159 -15.92 -9.97 2.52
C LYS D 159 -15.80 -10.23 1.02
N ARG D 160 -14.95 -11.18 0.61
CA ARG D 160 -14.71 -11.43 -0.79
C ARG D 160 -15.33 -12.72 -1.29
N LEU D 161 -16.12 -13.39 -0.44
CA LEU D 161 -16.65 -14.69 -0.81
C LEU D 161 -17.52 -14.60 -2.05
N SER D 162 -18.32 -13.53 -2.14
CA SER D 162 -19.19 -13.36 -3.30
C SER D 162 -18.38 -13.22 -4.57
N TYR D 163 -17.38 -12.34 -4.53
CA TYR D 163 -16.48 -12.22 -5.68
C TYR D 163 -15.77 -13.52 -5.95
N ARG D 164 -15.33 -14.20 -4.89
CA ARG D 164 -14.61 -15.44 -5.07
C ARG D 164 -15.46 -16.48 -5.79
N ILE D 165 -16.68 -16.71 -5.33
CA ILE D 165 -17.49 -17.79 -5.91
C ILE D 165 -18.10 -17.35 -7.23
N GLU D 166 -18.68 -16.16 -7.30
CA GLU D 166 -19.48 -15.83 -8.47
C GLU D 166 -18.62 -15.30 -9.62
N GLU D 167 -17.48 -14.67 -9.33
CA GLU D 167 -16.65 -14.06 -10.38
C GLU D 167 -15.38 -14.79 -10.57
N TRP D 168 -14.46 -14.80 -9.57
CA TRP D 168 -13.13 -15.35 -9.75
C TRP D 168 -13.14 -16.81 -10.13
N ASP D 169 -13.82 -17.65 -9.35
CA ASP D 169 -13.73 -19.09 -9.61
C ASP D 169 -14.21 -19.41 -11.04
N ARG D 170 -15.28 -18.75 -11.49
CA ARG D 170 -15.81 -19.02 -12.83
C ARG D 170 -14.87 -18.52 -13.92
N THR D 171 -14.22 -17.38 -13.71
CA THR D 171 -13.31 -16.85 -14.73
C THR D 171 -12.06 -17.70 -14.88
N LEU D 172 -11.49 -18.15 -13.77
CA LEU D 172 -10.35 -19.06 -13.85
C LEU D 172 -10.75 -20.36 -14.52
N SER D 173 -11.94 -20.86 -14.20
CA SER D 173 -12.44 -22.07 -14.83
C SER D 173 -12.59 -21.89 -16.34
N ASN D 174 -13.27 -20.82 -16.76
CA ASN D 174 -13.46 -20.59 -18.19
C ASN D 174 -12.13 -20.36 -18.89
N HIS D 175 -11.18 -19.72 -18.21
CA HIS D 175 -9.86 -19.51 -18.79
C HIS D 175 -9.19 -20.86 -19.05
N ILE D 176 -9.33 -21.80 -18.11
CA ILE D 176 -8.64 -23.08 -18.21
C ILE D 176 -9.27 -23.93 -19.30
N LYS D 177 -10.59 -23.91 -19.45
CA LYS D 177 -11.23 -24.68 -20.51
C LYS D 177 -10.84 -24.12 -21.87
N GLU D 178 -10.80 -22.79 -22.00
CA GLU D 178 -10.36 -22.17 -23.25
C GLU D 178 -8.95 -22.60 -23.60
N LEU D 179 -8.04 -22.60 -22.62
CA LEU D 179 -6.69 -23.03 -22.94
C LEU D 179 -6.68 -24.50 -23.32
N GLU D 180 -7.54 -25.30 -22.65
CA GLU D 180 -7.57 -26.73 -22.92
C GLU D 180 -7.86 -27.05 -24.38
N LYS D 181 -8.51 -26.13 -25.10
CA LYS D 181 -8.86 -26.34 -26.49
C LYS D 181 -7.65 -26.54 -27.40
N SER D 182 -6.47 -26.10 -26.99
CA SER D 182 -5.28 -26.40 -27.80
C SER D 182 -4.30 -27.33 -27.10
N LYS D 183 -4.13 -27.23 -25.78
CA LYS D 183 -3.13 -28.04 -25.10
C LYS D 183 -3.60 -28.38 -23.69
N PRO D 184 -3.14 -29.51 -23.13
CA PRO D 184 -3.47 -29.84 -21.74
C PRO D 184 -2.91 -28.81 -20.76
N VAL D 185 -3.58 -28.70 -19.61
CA VAL D 185 -3.33 -27.64 -18.63
C VAL D 185 -2.79 -28.26 -17.34
N VAL D 186 -1.73 -27.65 -16.79
CA VAL D 186 -1.30 -27.88 -15.42
C VAL D 186 -1.54 -26.60 -14.64
N LEU D 187 -2.47 -26.66 -13.69
CA LEU D 187 -2.77 -25.54 -12.80
C LEU D 187 -2.08 -25.73 -11.46
N THR D 188 -1.36 -24.71 -11.01
CA THR D 188 -0.68 -24.82 -9.74
C THR D 188 -0.69 -23.48 -9.01
N GLY D 189 -0.43 -23.54 -7.70
CA GLY D 189 -0.35 -22.34 -6.91
C GLY D 189 -1.14 -22.50 -5.62
N ASP D 190 -1.41 -21.36 -4.98
CA ASP D 190 -2.21 -21.31 -3.77
C ASP D 190 -3.66 -21.14 -4.19
N LEU D 191 -4.44 -22.21 -4.10
CA LEU D 191 -5.85 -22.14 -4.51
C LEU D 191 -6.78 -21.66 -3.41
N ASN D 192 -6.26 -21.41 -2.20
CA ASN D 192 -7.03 -20.83 -1.09
C ASN D 192 -8.34 -21.59 -0.90
N CYS D 193 -8.24 -22.91 -0.88
CA CYS D 193 -9.37 -23.77 -0.59
C CYS D 193 -8.83 -25.11 -0.13
N ALA D 194 -9.26 -25.58 1.03
CA ALA D 194 -9.05 -26.97 1.43
C ALA D 194 -10.26 -27.77 0.98
N HIS D 195 -10.07 -28.62 -0.03
CA HIS D 195 -11.22 -29.21 -0.72
C HIS D 195 -12.07 -30.07 0.22
N GLU D 196 -11.46 -31.05 0.88
CA GLU D 196 -12.20 -31.99 1.72
C GLU D 196 -11.70 -31.94 3.16
N GLU D 197 -12.43 -32.66 4.02
CA GLU D 197 -12.10 -32.68 5.44
C GLU D 197 -10.67 -33.16 5.69
N ILE D 198 -10.17 -34.06 4.85
CA ILE D 198 -8.81 -34.57 5.02
C ILE D 198 -7.77 -33.49 4.75
N ASP D 199 -8.17 -32.39 4.11
CA ASP D 199 -7.28 -31.31 3.74
C ASP D 199 -7.19 -30.23 4.81
N ILE D 200 -7.77 -30.44 5.98
CA ILE D 200 -7.76 -29.40 7.01
C ILE D 200 -7.75 -30.05 8.40
N PHE D 201 -6.97 -29.46 9.30
CA PHE D 201 -6.81 -30.03 10.64
C PHE D 201 -8.11 -29.97 11.44
N ASN D 202 -8.86 -28.87 11.33
CA ASN D 202 -10.06 -28.67 12.13
C ASN D 202 -11.23 -28.33 11.22
N PRO D 203 -11.85 -29.33 10.61
CA PRO D 203 -12.98 -29.04 9.71
C PRO D 203 -14.15 -28.37 10.40
N ALA D 204 -14.56 -28.87 11.57
CA ALA D 204 -15.77 -28.35 12.21
C ALA D 204 -15.57 -26.92 12.67
N GLY D 205 -14.40 -26.60 13.24
CA GLY D 205 -14.17 -25.24 13.69
C GLY D 205 -13.96 -24.23 12.59
N ASN D 206 -13.97 -24.65 11.34
CA ASN D 206 -13.67 -23.73 10.24
C ASN D 206 -14.74 -23.77 9.17
N LYS D 207 -15.95 -24.23 9.54
CA LYS D 207 -17.05 -24.35 8.59
C LYS D 207 -17.39 -23.01 7.93
N ARG D 208 -17.23 -21.91 8.66
CA ARG D 208 -17.51 -20.57 8.13
C ARG D 208 -16.25 -19.72 8.00
N SER D 209 -15.08 -20.35 7.91
CA SER D 209 -13.83 -19.65 7.66
C SER D 209 -13.46 -19.71 6.18
N ALA D 210 -12.86 -18.63 5.69
CA ALA D 210 -12.33 -18.58 4.33
C ALA D 210 -11.41 -19.77 4.05
N GLY D 211 -11.64 -20.42 2.92
CA GLY D 211 -10.84 -21.56 2.51
C GLY D 211 -11.50 -22.89 2.79
N PHE D 212 -12.54 -22.92 3.64
CA PHE D 212 -13.27 -24.15 3.89
C PHE D 212 -14.78 -23.96 3.95
N THR D 213 -15.33 -22.86 3.42
CA THR D 213 -16.79 -22.74 3.36
C THR D 213 -17.36 -23.75 2.40
N ILE D 214 -18.61 -24.16 2.64
CA ILE D 214 -19.26 -25.09 1.73
C ILE D 214 -19.24 -24.52 0.30
N GLU D 215 -19.40 -23.20 0.18
CA GLU D 215 -19.37 -22.58 -1.14
C GLU D 215 -18.03 -22.77 -1.82
N GLU D 216 -16.93 -22.54 -1.11
CA GLU D 216 -15.62 -22.65 -1.76
C GLU D 216 -15.32 -24.10 -2.15
N ARG D 217 -15.65 -25.06 -1.28
CA ARG D 217 -15.35 -26.46 -1.58
C ARG D 217 -16.19 -26.99 -2.74
N GLN D 218 -17.47 -26.63 -2.78
CA GLN D 218 -18.31 -27.07 -3.91
C GLN D 218 -17.81 -26.46 -5.21
N SER D 219 -17.38 -25.20 -5.17
CA SER D 219 -16.83 -24.57 -6.37
C SER D 219 -15.56 -25.26 -6.83
N PHE D 220 -14.66 -25.57 -5.90
CA PHE D 220 -13.46 -26.34 -6.24
C PHE D 220 -13.83 -27.59 -7.05
N GLY D 221 -14.79 -28.36 -6.55
CA GLY D 221 -15.22 -29.56 -7.27
C GLY D 221 -15.89 -29.25 -8.59
N ALA D 222 -16.78 -28.27 -8.61
CA ALA D 222 -17.64 -28.07 -9.77
C ALA D 222 -16.93 -27.30 -10.89
N ASN D 223 -16.02 -26.38 -10.56
CA ASN D 223 -15.36 -25.59 -11.59
C ASN D 223 -13.99 -26.11 -11.98
N LEU D 224 -13.39 -27.00 -11.18
CA LEU D 224 -12.09 -27.57 -11.55
C LEU D 224 -12.21 -29.09 -11.77
N LEU D 225 -12.39 -29.88 -10.71
CA LEU D 225 -12.30 -31.33 -10.88
C LEU D 225 -13.36 -31.83 -11.84
N ASP D 226 -14.62 -31.47 -11.59
CA ASP D 226 -15.73 -31.95 -12.41
C ASP D 226 -15.70 -31.40 -13.82
N LYS D 227 -14.80 -30.47 -14.12
CA LYS D 227 -14.57 -30.02 -15.48
C LYS D 227 -13.31 -30.66 -16.05
N GLY D 228 -12.95 -31.83 -15.53
CA GLY D 228 -11.92 -32.65 -16.12
C GLY D 228 -10.53 -32.45 -15.57
N PHE D 229 -10.40 -32.06 -14.31
CA PHE D 229 -9.09 -31.87 -13.75
C PHE D 229 -8.88 -32.78 -12.54
N VAL D 230 -7.61 -33.12 -12.31
CA VAL D 230 -7.21 -34.12 -11.33
C VAL D 230 -6.36 -33.47 -10.26
N ASP D 231 -6.74 -33.67 -9.00
CA ASP D 231 -5.92 -33.31 -7.84
C ASP D 231 -4.80 -34.33 -7.73
N THR D 232 -3.61 -33.98 -8.23
CA THR D 232 -2.54 -34.97 -8.37
C THR D 232 -2.05 -35.51 -7.02
N PHE D 233 -1.94 -34.66 -5.99
CA PHE D 233 -1.48 -35.18 -4.69
C PHE D 233 -2.52 -36.13 -4.10
N ARG D 234 -3.80 -35.78 -4.21
CA ARG D 234 -4.82 -36.62 -3.60
C ARG D 234 -4.98 -37.94 -4.33
N LYS D 235 -4.94 -37.90 -5.68
CA LYS D 235 -5.02 -39.13 -6.45
C LYS D 235 -3.88 -40.08 -6.09
N GLN D 236 -2.70 -39.54 -5.88
CA GLN D 236 -1.55 -40.37 -5.58
C GLN D 236 -1.59 -40.91 -4.15
N HIS D 237 -2.22 -40.19 -3.22
CA HIS D 237 -2.16 -40.49 -1.79
C HIS D 237 -3.55 -40.58 -1.20
N PRO D 238 -4.31 -41.61 -1.58
CA PRO D 238 -5.74 -41.65 -1.25
C PRO D 238 -6.09 -41.59 0.22
N GLY D 239 -5.26 -42.05 1.13
CA GLY D 239 -5.67 -41.96 2.52
C GLY D 239 -4.79 -41.07 3.37
N VAL D 240 -4.13 -40.09 2.76
CA VAL D 240 -3.00 -39.40 3.37
C VAL D 240 -3.35 -37.98 3.76
N VAL D 241 -3.09 -37.66 5.03
CA VAL D 241 -3.22 -36.30 5.55
C VAL D 241 -1.90 -35.56 5.30
N GLY D 242 -1.96 -34.56 4.45
CA GLY D 242 -0.77 -33.77 4.14
C GLY D 242 -1.10 -32.30 4.09
N TYR D 243 -0.32 -31.48 4.79
CA TYR D 243 -0.60 -30.05 4.85
C TYR D 243 0.47 -29.27 4.11
N THR D 244 0.08 -28.09 3.61
CA THR D 244 0.99 -27.20 2.94
C THR D 244 1.01 -25.82 3.58
N TYR D 245 0.16 -25.59 4.57
CA TYR D 245 0.08 -24.29 5.22
C TYR D 245 -0.20 -24.52 6.70
N TRP D 246 0.41 -23.70 7.55
CA TRP D 246 0.14 -23.71 8.98
C TRP D 246 0.08 -22.28 9.43
N GLY D 247 -1.06 -21.87 9.99
CA GLY D 247 -1.21 -20.47 10.40
C GLY D 247 -0.20 -20.12 11.47
N TYR D 248 0.35 -18.88 11.38
CA TYR D 248 1.34 -18.43 12.36
C TYR D 248 0.73 -18.36 13.76
N ARG D 249 -0.52 -17.88 13.85
CA ARG D 249 -1.09 -17.57 15.16
C ARG D 249 -1.09 -18.79 16.06
N HIS D 250 -1.44 -19.94 15.50
CA HIS D 250 -1.61 -21.15 16.28
C HIS D 250 -0.34 -21.97 16.43
N GLY D 251 0.80 -21.48 15.94
CA GLY D 251 2.05 -22.22 16.05
C GLY D 251 1.88 -23.67 15.64
N GLY D 252 1.04 -23.93 14.64
CA GLY D 252 0.62 -25.28 14.34
C GLY D 252 1.63 -26.14 13.61
N ARG D 253 2.67 -25.53 13.02
CA ARG D 253 3.61 -26.31 12.22
C ARG D 253 4.39 -27.29 13.09
N LYS D 254 4.74 -26.89 14.31
CA LYS D 254 5.37 -27.82 15.23
C LYS D 254 4.45 -28.99 15.57
N THR D 255 3.13 -28.81 15.48
CA THR D 255 2.19 -29.90 15.72
C THR D 255 1.45 -30.34 14.47
N ASN D 256 1.86 -29.84 13.30
CA ASN D 256 1.22 -30.20 12.03
C ASN D 256 -0.26 -29.83 12.04
N LYS D 257 -0.63 -28.74 12.71
CA LYS D 257 -2.00 -28.24 12.71
C LYS D 257 -2.18 -27.38 11.46
N GLY D 258 -2.41 -28.05 10.33
CA GLY D 258 -2.35 -27.32 9.07
C GLY D 258 -3.51 -27.46 8.12
N TRP D 259 -3.33 -26.88 6.94
CA TRP D 259 -4.28 -26.94 5.84
C TRP D 259 -3.54 -27.35 4.59
N ARG D 260 -4.24 -27.98 3.66
CA ARG D 260 -3.68 -28.15 2.31
C ARG D 260 -4.32 -27.11 1.41
N LEU D 261 -3.56 -26.07 1.04
CA LEU D 261 -4.07 -24.98 0.23
C LEU D 261 -3.38 -24.88 -1.12
N ASP D 262 -2.33 -25.65 -1.36
CA ASP D 262 -1.49 -25.50 -2.54
C ASP D 262 -1.57 -26.80 -3.36
N TYR D 263 -1.77 -26.67 -4.66
CA TYR D 263 -2.14 -27.83 -5.47
C TYR D 263 -1.39 -27.87 -6.80
N PHE D 264 -1.39 -29.05 -7.43
CA PHE D 264 -1.13 -29.23 -8.85
C PHE D 264 -2.36 -29.92 -9.40
N LEU D 265 -3.16 -29.20 -10.18
CA LEU D 265 -4.31 -29.77 -10.86
C LEU D 265 -3.96 -29.91 -12.33
N VAL D 266 -4.17 -31.12 -12.89
CA VAL D 266 -3.74 -31.37 -14.27
C VAL D 266 -4.91 -31.90 -15.08
N SER D 267 -4.88 -31.59 -16.38
CA SER D 267 -5.91 -32.05 -17.30
C SER D 267 -6.04 -33.56 -17.24
N GLN D 268 -7.29 -34.04 -17.31
CA GLN D 268 -7.53 -35.48 -17.28
C GLN D 268 -6.67 -36.19 -18.31
N SER D 269 -6.49 -35.56 -19.48
CA SER D 269 -5.75 -36.14 -20.59
C SER D 269 -4.29 -36.40 -20.28
N ILE D 270 -3.71 -35.73 -19.29
CA ILE D 270 -2.32 -35.99 -18.95
C ILE D 270 -2.14 -36.41 -17.50
N ALA D 271 -3.22 -36.75 -16.80
CA ALA D 271 -3.09 -37.09 -15.38
C ALA D 271 -2.24 -38.33 -15.18
N ALA D 272 -2.33 -39.29 -16.10
CA ALA D 272 -1.56 -40.53 -15.96
C ALA D 272 -0.08 -40.34 -16.26
N ASN D 273 0.33 -39.17 -16.78
CA ASN D 273 1.75 -38.87 -16.98
C ASN D 273 2.42 -38.31 -15.73
N VAL D 274 1.66 -38.04 -14.67
CA VAL D 274 2.22 -37.49 -13.45
C VAL D 274 3.04 -38.58 -12.75
N HIS D 275 4.35 -38.37 -12.64
CA HIS D 275 5.14 -39.37 -11.93
C HIS D 275 5.03 -39.18 -10.42
N ASP D 276 5.18 -37.94 -9.95
CA ASP D 276 5.18 -37.68 -8.51
C ASP D 276 4.54 -36.33 -8.23
N SER D 277 3.55 -36.31 -7.35
CA SER D 277 3.00 -35.07 -6.77
C SER D 277 3.30 -35.10 -5.29
N TYR D 278 4.20 -34.23 -4.82
CA TYR D 278 4.71 -34.34 -3.46
C TYR D 278 4.73 -32.98 -2.77
N ILE D 279 4.98 -33.03 -1.46
CA ILE D 279 5.09 -31.86 -0.59
C ILE D 279 6.47 -31.86 0.03
N LEU D 280 6.99 -30.67 0.33
CA LEU D 280 8.31 -30.50 0.93
C LEU D 280 8.14 -29.74 2.24
N PRO D 281 7.53 -30.38 3.23
CA PRO D 281 7.18 -29.67 4.48
C PRO D 281 8.39 -29.30 5.34
N ASP D 282 9.60 -29.73 4.99
CA ASP D 282 10.75 -29.35 5.80
C ASP D 282 11.27 -27.96 5.47
N ILE D 283 10.89 -27.40 4.33
CA ILE D 283 11.44 -26.15 3.86
C ILE D 283 10.75 -25.00 4.56
N ASN D 284 11.52 -24.20 5.28
CA ASN D 284 11.00 -23.10 6.08
C ASN D 284 11.14 -21.77 5.34
N GLY D 285 10.60 -20.71 5.97
CA GLY D 285 10.65 -19.36 5.44
C GLY D 285 9.31 -18.71 5.15
N SER D 286 8.22 -19.49 5.12
CA SER D 286 6.89 -18.98 4.83
C SER D 286 5.89 -19.73 5.71
N ASP D 287 4.64 -19.24 5.74
CA ASP D 287 3.61 -20.06 6.38
C ASP D 287 3.08 -21.14 5.46
N HIS D 288 3.49 -21.17 4.19
CA HIS D 288 3.35 -22.33 3.35
C HIS D 288 4.71 -22.98 3.16
N CYS D 289 4.69 -24.26 2.83
CA CYS D 289 5.89 -24.95 2.37
C CYS D 289 5.77 -25.20 0.87
N PRO D 290 6.87 -25.52 0.18
CA PRO D 290 6.76 -25.81 -1.25
C PRO D 290 6.10 -27.15 -1.53
N ILE D 291 5.58 -27.28 -2.76
CA ILE D 291 5.11 -28.53 -3.32
C ILE D 291 5.81 -28.73 -4.66
N GLY D 292 5.83 -29.99 -5.12
CA GLY D 292 6.56 -30.33 -6.32
C GLY D 292 5.77 -31.25 -7.23
N LEU D 293 6.13 -31.22 -8.51
CA LEU D 293 5.49 -32.05 -9.53
C LEU D 293 6.53 -32.58 -10.49
N ILE D 294 6.46 -33.87 -10.79
CA ILE D 294 7.28 -34.51 -11.82
C ILE D 294 6.34 -35.07 -12.87
N LEU D 295 6.31 -34.44 -14.06
CA LEU D 295 5.38 -34.77 -15.12
C LEU D 295 6.16 -35.34 -16.30
N LYS D 296 5.76 -36.52 -16.76
CA LYS D 296 6.39 -37.13 -17.92
C LYS D 296 5.92 -36.45 -19.20
N LEU D 297 6.86 -36.19 -20.10
CA LEU D 297 6.53 -35.52 -21.35
C LEU D 297 6.59 -36.48 -22.55
#